data_5HXK
#
_entry.id   5HXK
#
_cell.length_a   116.544
_cell.length_b   116.544
_cell.length_c   165.726
_cell.angle_alpha   90.00
_cell.angle_beta   90.00
_cell.angle_gamma   120.00
#
_symmetry.space_group_name_H-M   'P 32 2 1'
#
loop_
_entity.id
_entity.type
_entity.pdbx_description
1 polymer 'Zinc-dependent peptidase'
2 water water
#
_entity_poly.entity_id   1
_entity_poly.type   'polypeptide(L)'
_entity_poly.pdbx_seq_one_letter_code
;MGSSHHHHHHSSGLVPRGSHMSRVERLPNGLVVALEERDFPGVAFQLLVPAGAVNDPEGMEGAAALLEGWLWKGAGDLDA
RALAQALDALGVRRSSGAGLEYTAFAAAFLPEVLDEVFRLYALLLTRPRLPEEGLEAVRSVALQALLSLEDQPARKLLSE
LRRKVFRSPHGREPLGREEGLKGARAEALKADYRRRYTPKGAILAVAGGVSWERLRAALEPFLAWEGEEALYPAPELSEP
HRFVLRRPTAQVQIGLAYPDVGPEDPGFYAARLALEVLSGGMSSRLFTEVREKRGLVYAVSAFPAGVKGQGLLMAYAGTT
KERAGETLEVLRAEVERLAEGVTEEELSRAKVGLKTALVMADESIRSRAASMARDLYMLGRVRSLSEIEAAIEGTSLEAV
NAFLRAHPYRDPWVGLLGEVEDV
;
_entity_poly.pdbx_strand_id   A,B,C
#
# COMPACT_ATOMS: atom_id res chain seq x y z
N HIS A 20 -10.10 -56.55 -20.76
CA HIS A 20 -10.04 -56.67 -19.32
C HIS A 20 -11.31 -56.18 -18.65
N MET A 21 -11.88 -57.03 -17.81
CA MET A 21 -13.12 -56.75 -17.12
C MET A 21 -12.91 -56.92 -15.62
N SER A 22 -13.67 -56.17 -14.83
CA SER A 22 -13.59 -56.22 -13.39
C SER A 22 -14.85 -56.81 -12.80
N ARG A 23 -14.69 -57.51 -11.68
CA ARG A 23 -15.80 -58.03 -10.90
C ARG A 23 -15.70 -57.50 -9.47
N VAL A 24 -16.81 -57.03 -8.92
CA VAL A 24 -16.82 -56.39 -7.60
C VAL A 24 -17.90 -57.04 -6.75
N GLU A 25 -17.59 -57.32 -5.50
CA GLU A 25 -18.61 -57.83 -4.59
C GLU A 25 -18.38 -57.27 -3.19
N ARG A 26 -19.46 -57.04 -2.49
CA ARG A 26 -19.41 -56.75 -1.07
C ARG A 26 -19.62 -58.04 -0.30
N LEU A 27 -18.65 -58.41 0.53
CA LEU A 27 -18.79 -59.58 1.39
C LEU A 27 -19.83 -59.32 2.48
N PRO A 28 -20.34 -60.38 3.12
CA PRO A 28 -21.37 -60.19 4.15
C PRO A 28 -20.97 -59.25 5.28
N ASN A 29 -19.68 -59.18 5.62
CA ASN A 29 -19.23 -58.28 6.67
C ASN A 29 -19.05 -56.84 6.19
N GLY A 30 -19.22 -56.58 4.90
CA GLY A 30 -19.14 -55.23 4.36
C GLY A 30 -17.88 -54.93 3.56
N LEU A 31 -16.85 -55.77 3.64
CA LEU A 31 -15.64 -55.57 2.86
C LEU A 31 -15.95 -55.63 1.37
N VAL A 32 -15.52 -54.62 0.63
CA VAL A 32 -15.70 -54.58 -0.82
C VAL A 32 -14.45 -55.19 -1.44
N VAL A 33 -14.62 -56.24 -2.26
CA VAL A 33 -13.50 -56.88 -2.94
C VAL A 33 -13.70 -56.76 -4.45
N ALA A 34 -12.64 -56.37 -5.17
CA ALA A 34 -12.68 -56.25 -6.62
C ALA A 34 -11.51 -57.00 -7.23
N LEU A 35 -11.76 -57.61 -8.37
CA LEU A 35 -10.71 -58.35 -9.07
C LEU A 35 -10.68 -57.94 -10.52
N GLU A 36 -9.48 -57.73 -11.06
CA GLU A 36 -9.31 -57.63 -12.51
C GLU A 36 -8.36 -58.73 -12.95
N GLU A 37 -8.91 -59.76 -13.59
CA GLU A 37 -8.09 -60.89 -14.01
C GLU A 37 -7.23 -60.52 -15.21
N ARG A 38 -6.01 -61.04 -15.22
CA ARG A 38 -5.07 -60.84 -16.31
C ARG A 38 -4.27 -62.11 -16.56
N ASP A 39 -3.82 -62.23 -17.81
CA ASP A 39 -2.99 -63.32 -18.29
C ASP A 39 -1.55 -62.97 -17.90
N PHE A 40 -1.25 -63.12 -16.60
CA PHE A 40 0.04 -62.71 -16.06
C PHE A 40 0.41 -63.53 -14.83
N PRO A 41 1.59 -64.16 -14.83
CA PRO A 41 1.98 -64.98 -13.67
C PRO A 41 2.35 -64.15 -12.43
N GLY A 42 1.44 -63.33 -11.94
CA GLY A 42 1.68 -62.45 -10.82
C GLY A 42 0.36 -61.93 -10.29
N VAL A 43 0.31 -61.58 -9.01
CA VAL A 43 -0.90 -61.04 -8.38
C VAL A 43 -0.48 -59.86 -7.52
N ALA A 44 -1.26 -58.77 -7.56
CA ALA A 44 -1.03 -57.64 -6.69
C ALA A 44 -2.35 -57.20 -6.08
N PHE A 45 -2.31 -56.71 -4.85
CA PHE A 45 -3.51 -56.11 -4.30
C PHE A 45 -3.18 -54.80 -3.61
N GLN A 46 -4.25 -54.06 -3.34
CA GLN A 46 -4.22 -52.83 -2.57
C GLN A 46 -5.40 -52.92 -1.62
N LEU A 47 -5.10 -52.93 -0.32
CA LEU A 47 -6.11 -53.00 0.73
C LEU A 47 -6.16 -51.65 1.41
N LEU A 48 -7.33 -51.01 1.40
CA LEU A 48 -7.51 -49.75 2.10
C LEU A 48 -8.36 -50.02 3.33
N VAL A 49 -7.84 -49.65 4.50
CA VAL A 49 -8.58 -49.70 5.76
C VAL A 49 -8.99 -48.29 6.13
N PRO A 50 -10.25 -48.04 6.46
CA PRO A 50 -10.75 -46.67 6.62
C PRO A 50 -10.38 -46.00 7.94
N ALA A 51 -9.12 -46.14 8.33
CA ALA A 51 -8.52 -45.46 9.47
C ALA A 51 -7.41 -44.58 8.92
N GLY A 52 -7.49 -43.28 9.19
CA GLY A 52 -6.49 -42.34 8.73
C GLY A 52 -6.41 -41.16 9.67
N ALA A 53 -5.54 -40.20 9.35
CA ALA A 53 -5.46 -38.99 10.16
C ALA A 53 -6.82 -38.31 10.29
N VAL A 54 -7.65 -38.37 9.24
CA VAL A 54 -8.93 -37.66 9.23
C VAL A 54 -9.85 -38.14 10.34
N ASN A 55 -9.72 -39.41 10.79
CA ASN A 55 -10.54 -39.86 11.92
C ASN A 55 -9.69 -40.33 13.10
N ASP A 56 -8.46 -39.82 13.22
CA ASP A 56 -7.72 -39.99 14.48
C ASP A 56 -8.54 -39.40 15.63
N PRO A 57 -8.51 -40.01 16.81
CA PRO A 57 -9.12 -39.37 17.99
C PRO A 57 -8.50 -38.01 18.29
N GLU A 58 -9.36 -37.08 18.71
CA GLU A 58 -8.91 -35.77 19.16
C GLU A 58 -7.81 -35.91 20.20
N GLY A 59 -6.73 -35.17 20.03
CA GLY A 59 -5.59 -35.27 20.93
C GLY A 59 -4.66 -36.44 20.64
N MET A 60 -5.03 -37.32 19.73
CA MET A 60 -4.15 -38.40 19.32
C MET A 60 -3.81 -38.31 17.84
N GLU A 61 -3.42 -37.11 17.37
CA GLU A 61 -3.01 -36.96 15.98
C GLU A 61 -1.76 -37.79 15.74
N GLY A 62 -1.88 -38.80 14.88
CA GLY A 62 -0.83 -39.79 14.68
C GLY A 62 -1.25 -41.20 15.05
N ALA A 63 -2.44 -41.40 15.59
CA ALA A 63 -2.87 -42.72 16.01
C ALA A 63 -2.85 -43.72 14.85
N ALA A 64 -3.38 -43.31 13.68
CA ALA A 64 -3.39 -44.24 12.55
C ALA A 64 -1.98 -44.62 12.12
N ALA A 65 -1.04 -43.68 12.23
CA ALA A 65 0.37 -43.97 11.96
C ALA A 65 0.93 -44.96 12.98
N LEU A 66 0.58 -44.79 14.26
CA LEU A 66 1.04 -45.73 15.28
C LEU A 66 0.41 -47.10 15.10
N LEU A 67 -0.87 -47.15 14.77
CA LEU A 67 -1.55 -48.44 14.60
C LEU A 67 -0.91 -49.23 13.46
N GLU A 68 -0.66 -48.57 12.33
CA GLU A 68 -0.10 -49.29 11.18
C GLU A 68 1.26 -49.90 11.52
N GLY A 69 2.13 -49.13 12.18
CA GLY A 69 3.41 -49.67 12.62
C GLY A 69 3.27 -50.75 13.69
N TRP A 70 2.27 -50.63 14.55
CA TRP A 70 2.10 -51.57 15.65
C TRP A 70 1.54 -52.91 15.18
N LEU A 71 0.68 -52.89 14.15
CA LEU A 71 0.23 -54.13 13.53
C LEU A 71 1.40 -55.06 13.16
N TRP A 72 2.45 -54.51 12.57
CA TRP A 72 3.54 -55.35 12.08
C TRP A 72 4.41 -55.89 13.19
N LYS A 73 4.08 -55.64 14.44
CA LYS A 73 4.80 -56.23 15.57
C LYS A 73 4.24 -57.60 15.97
N GLY A 74 3.49 -58.25 15.09
CA GLY A 74 3.04 -59.61 15.37
C GLY A 74 1.57 -59.85 15.13
N ALA A 75 1.23 -61.09 14.80
CA ALA A 75 -0.15 -61.47 14.58
C ALA A 75 -0.26 -62.98 14.75
N GLY A 76 -1.39 -63.42 15.28
CA GLY A 76 -1.51 -64.83 15.65
C GLY A 76 -0.33 -65.26 16.50
N ASP A 77 0.24 -66.41 16.20
CA ASP A 77 1.37 -66.88 16.98
C ASP A 77 2.71 -66.28 16.54
N LEU A 78 2.72 -65.41 15.54
CA LEU A 78 3.97 -64.89 14.99
C LEU A 78 4.33 -63.58 15.66
N ASP A 79 5.56 -63.47 16.16
CA ASP A 79 6.03 -62.18 16.64
C ASP A 79 6.48 -61.34 15.46
N ALA A 80 7.03 -60.15 15.75
CA ALA A 80 7.37 -59.19 14.70
C ALA A 80 8.32 -59.79 13.66
N ARG A 81 9.39 -60.41 14.13
CA ARG A 81 10.37 -60.98 13.21
C ARG A 81 9.82 -62.20 12.49
N ALA A 82 9.08 -63.06 13.19
CA ALA A 82 8.51 -64.23 12.53
C ALA A 82 7.45 -63.85 11.50
N LEU A 83 6.74 -62.75 11.73
CA LEU A 83 5.76 -62.31 10.76
C LEU A 83 6.45 -61.78 9.50
N ALA A 84 7.53 -61.01 9.67
CA ALA A 84 8.25 -60.51 8.50
C ALA A 84 8.88 -61.66 7.72
N GLN A 85 9.41 -62.66 8.43
CA GLN A 85 10.01 -63.81 7.75
C GLN A 85 8.96 -64.61 7.00
N ALA A 86 7.78 -64.77 7.59
CA ALA A 86 6.73 -65.57 6.97
C ALA A 86 6.29 -64.99 5.64
N LEU A 87 6.15 -63.66 5.57
CA LEU A 87 5.77 -63.03 4.30
C LEU A 87 6.95 -62.99 3.33
N ASP A 88 8.16 -62.78 3.86
CA ASP A 88 9.35 -62.83 3.00
C ASP A 88 9.58 -64.22 2.42
N ALA A 89 9.24 -65.28 3.17
CA ALA A 89 9.38 -66.63 2.64
C ALA A 89 8.41 -66.92 1.50
N LEU A 90 7.29 -66.18 1.42
CA LEU A 90 6.36 -66.25 0.30
C LEU A 90 6.75 -65.35 -0.86
N GLY A 91 7.85 -64.61 -0.75
CA GLY A 91 8.22 -63.68 -1.80
C GLY A 91 7.32 -62.44 -1.91
N VAL A 92 6.69 -62.00 -0.82
CA VAL A 92 5.77 -60.87 -0.92
C VAL A 92 6.56 -59.57 -0.91
N ARG A 93 6.46 -58.78 -1.99
CA ARG A 93 6.99 -57.42 -2.03
C ARG A 93 5.86 -56.49 -1.60
N ARG A 94 6.11 -55.66 -0.60
CA ARG A 94 4.97 -55.00 0.04
C ARG A 94 5.39 -53.65 0.62
N SER A 95 4.37 -52.82 0.84
CA SER A 95 4.55 -51.57 1.55
C SER A 95 3.20 -51.18 2.12
N SER A 96 3.23 -50.36 3.15
CA SER A 96 1.99 -49.92 3.78
C SER A 96 2.23 -48.58 4.48
N GLY A 97 1.14 -47.88 4.75
CA GLY A 97 1.28 -46.62 5.44
C GLY A 97 -0.05 -45.97 5.68
N ALA A 98 -0.16 -45.29 6.81
CA ALA A 98 -1.38 -44.55 7.12
C ALA A 98 -1.39 -43.25 6.34
N GLY A 99 -2.51 -42.97 5.67
CA GLY A 99 -2.68 -41.74 4.94
C GLY A 99 -3.68 -40.82 5.60
N LEU A 100 -4.13 -39.82 4.84
CA LEU A 100 -5.10 -38.85 5.34
C LEU A 100 -6.47 -39.50 5.54
N GLU A 101 -6.94 -40.25 4.55
CA GLU A 101 -8.29 -40.78 4.54
C GLU A 101 -8.38 -42.27 4.85
N TYR A 102 -7.26 -43.00 4.77
CA TYR A 102 -7.26 -44.45 4.96
C TYR A 102 -5.81 -44.90 5.13
N THR A 103 -5.66 -46.15 5.57
CA THR A 103 -4.36 -46.83 5.63
C THR A 103 -4.30 -47.85 4.49
N ALA A 104 -3.27 -47.76 3.66
CA ALA A 104 -3.15 -48.60 2.48
C ALA A 104 -2.10 -49.70 2.72
N PHE A 105 -2.43 -50.93 2.33
CA PHE A 105 -1.50 -52.05 2.34
C PHE A 105 -1.38 -52.59 0.93
N ALA A 106 -0.16 -52.63 0.39
CA ALA A 106 0.08 -53.07 -0.97
C ALA A 106 0.98 -54.30 -0.92
N ALA A 107 0.65 -55.31 -1.71
CA ALA A 107 1.45 -56.52 -1.75
C ALA A 107 1.46 -57.04 -3.17
N ALA A 108 2.59 -57.66 -3.55
CA ALA A 108 2.73 -58.30 -4.86
C ALA A 108 3.47 -59.61 -4.66
N PHE A 109 3.04 -60.65 -5.38
CA PHE A 109 3.55 -62.00 -5.16
C PHE A 109 3.15 -62.86 -6.35
N LEU A 110 3.73 -64.07 -6.40
CA LEU A 110 3.40 -64.98 -7.50
C LEU A 110 2.20 -65.84 -7.10
N PRO A 111 1.43 -66.36 -8.07
CA PRO A 111 0.10 -66.90 -7.72
C PRO A 111 0.12 -68.15 -6.85
N GLU A 112 1.24 -68.88 -6.80
CA GLU A 112 1.26 -70.13 -6.04
C GLU A 112 1.07 -69.92 -4.54
N VAL A 113 1.39 -68.73 -4.01
CA VAL A 113 1.30 -68.49 -2.58
C VAL A 113 0.04 -67.72 -2.20
N LEU A 114 -0.94 -67.63 -3.11
CA LEU A 114 -2.14 -66.82 -2.90
C LEU A 114 -2.83 -67.12 -1.57
N ASP A 115 -3.21 -68.38 -1.34
CA ASP A 115 -3.95 -68.72 -0.12
C ASP A 115 -3.19 -68.31 1.14
N GLU A 116 -1.88 -68.58 1.18
CA GLU A 116 -1.17 -68.32 2.42
C GLU A 116 -0.91 -66.84 2.63
N VAL A 117 -0.69 -66.07 1.56
CA VAL A 117 -0.55 -64.63 1.72
C VAL A 117 -1.80 -64.03 2.34
N PHE A 118 -2.98 -64.41 1.82
CA PHE A 118 -4.22 -63.79 2.32
C PHE A 118 -4.55 -64.24 3.72
N ARG A 119 -4.16 -65.46 4.09
CA ARG A 119 -4.37 -65.91 5.46
C ARG A 119 -3.54 -65.08 6.42
N LEU A 120 -2.32 -64.70 6.02
CA LEU A 120 -1.48 -63.91 6.91
C LEU A 120 -1.95 -62.46 7.01
N TYR A 121 -2.46 -61.88 5.92
CA TYR A 121 -2.97 -60.52 6.01
C TYR A 121 -4.27 -60.46 6.80
N ALA A 122 -5.11 -61.50 6.74
CA ALA A 122 -6.32 -61.52 7.57
C ALA A 122 -5.95 -61.62 9.04
N LEU A 123 -4.89 -62.36 9.34
CA LEU A 123 -4.37 -62.48 10.69
C LEU A 123 -3.84 -61.15 11.19
N LEU A 124 -3.13 -60.42 10.32
CA LEU A 124 -2.57 -59.13 10.69
C LEU A 124 -3.67 -58.12 11.03
N LEU A 125 -4.75 -58.14 10.26
CA LEU A 125 -5.81 -57.14 10.43
C LEU A 125 -6.74 -57.49 11.58
N THR A 126 -7.06 -58.77 11.76
CA THR A 126 -8.06 -59.15 12.74
C THR A 126 -7.49 -59.65 14.06
N ARG A 127 -6.29 -60.23 14.11
CA ARG A 127 -5.72 -60.68 15.37
C ARG A 127 -4.27 -60.19 15.55
N PRO A 128 -4.04 -58.89 15.48
CA PRO A 128 -2.68 -58.39 15.74
C PRO A 128 -2.32 -58.56 17.21
N ARG A 129 -1.03 -58.77 17.45
CA ARG A 129 -0.60 -58.97 18.84
C ARG A 129 -0.61 -57.66 19.61
N LEU A 130 -0.29 -56.55 18.96
CA LEU A 130 -0.22 -55.24 19.58
C LEU A 130 0.55 -55.29 20.89
N PRO A 131 1.80 -55.73 20.89
CA PRO A 131 2.52 -55.92 22.16
C PRO A 131 2.93 -54.59 22.77
N GLU A 132 2.74 -54.46 24.08
CA GLU A 132 3.09 -53.18 24.69
C GLU A 132 4.57 -52.94 24.64
N GLU A 133 5.36 -53.98 24.70
CA GLU A 133 6.78 -53.84 24.53
C GLU A 133 7.19 -53.25 23.16
N GLY A 134 6.63 -53.74 22.09
CA GLY A 134 6.92 -53.23 20.76
C GLY A 134 6.41 -51.82 20.50
N LEU A 135 5.52 -51.30 21.34
CA LEU A 135 4.93 -49.98 21.07
C LEU A 135 5.98 -48.88 21.15
N GLU A 136 6.91 -48.97 22.10
CA GLU A 136 7.89 -47.89 22.22
C GLU A 136 8.81 -47.83 21.00
N ALA A 137 9.04 -48.96 20.34
CA ALA A 137 9.80 -48.90 19.09
C ALA A 137 8.95 -48.30 17.96
N VAL A 138 7.67 -48.67 17.89
CA VAL A 138 6.75 -48.02 16.93
C VAL A 138 6.73 -46.51 17.10
N ARG A 139 6.64 -46.03 18.34
CA ARG A 139 6.53 -44.60 18.59
C ARG A 139 7.81 -43.86 18.20
N SER A 140 8.96 -44.45 18.56
CA SER A 140 10.24 -43.87 18.19
C SER A 140 10.41 -43.77 16.68
N VAL A 141 10.05 -44.81 15.94
CA VAL A 141 10.10 -44.76 14.48
C VAL A 141 9.17 -43.69 13.93
N ALA A 142 7.93 -43.64 14.45
CA ALA A 142 6.99 -42.65 13.92
C ALA A 142 7.47 -41.23 14.16
N LEU A 143 8.16 -40.99 15.28
CA LEU A 143 8.67 -39.66 15.58
C LEU A 143 9.83 -39.29 14.66
N GLN A 144 10.67 -40.26 14.30
CA GLN A 144 11.71 -39.98 13.30
C GLN A 144 11.10 -39.65 11.93
N ALA A 145 10.09 -40.40 11.50
CA ALA A 145 9.41 -40.09 10.24
C ALA A 145 8.85 -38.66 10.25
N LEU A 146 8.20 -38.27 11.35
CA LEU A 146 7.65 -36.92 11.42
C LEU A 146 8.76 -35.88 11.43
N LEU A 147 9.86 -36.18 12.13
CA LEU A 147 10.99 -35.26 12.19
C LEU A 147 11.61 -35.03 10.81
N SER A 148 11.68 -36.08 9.97
CA SER A 148 12.26 -35.92 8.64
C SER A 148 11.45 -34.96 7.77
N LEU A 149 10.18 -34.75 8.07
CA LEU A 149 9.43 -33.76 7.28
C LEU A 149 10.09 -32.39 7.39
N GLU A 150 10.70 -32.09 8.55
CA GLU A 150 11.36 -30.79 8.73
C GLU A 150 12.54 -30.59 7.79
N ASP A 151 13.17 -31.68 7.32
CA ASP A 151 14.28 -31.61 6.38
C ASP A 151 13.83 -31.68 4.93
N GLN A 152 12.53 -31.60 4.67
CA GLN A 152 11.98 -31.78 3.33
C GLN A 152 11.09 -30.57 3.08
N PRO A 153 11.68 -29.44 2.66
CA PRO A 153 10.93 -28.18 2.65
C PRO A 153 9.73 -28.18 1.71
N ALA A 154 9.83 -28.83 0.55
CA ALA A 154 8.70 -28.90 -0.36
C ALA A 154 7.53 -29.63 0.27
N ARG A 155 7.79 -30.82 0.84
CA ARG A 155 6.73 -31.58 1.50
C ARG A 155 6.22 -30.85 2.74
N LYS A 156 7.13 -30.23 3.49
CA LYS A 156 6.72 -29.46 4.67
C LYS A 156 5.76 -28.34 4.28
N LEU A 157 6.07 -27.61 3.20
CA LEU A 157 5.21 -26.49 2.82
C LEU A 157 3.83 -26.98 2.42
N LEU A 158 3.76 -28.02 1.59
CA LEU A 158 2.46 -28.47 1.09
C LEU A 158 1.62 -29.08 2.20
N SER A 159 2.26 -29.67 3.20
CA SER A 159 1.55 -30.20 4.37
C SER A 159 0.96 -29.06 5.21
N GLU A 160 1.76 -28.02 5.47
CA GLU A 160 1.22 -26.84 6.14
C GLU A 160 0.11 -26.20 5.32
N LEU A 161 0.25 -26.21 4.00
CA LEU A 161 -0.77 -25.60 3.15
C LEU A 161 -2.12 -26.29 3.33
N ARG A 162 -2.14 -27.62 3.24
CA ARG A 162 -3.42 -28.30 3.40
C ARG A 162 -3.98 -28.11 4.81
N ARG A 163 -3.10 -27.96 5.81
CA ARG A 163 -3.57 -27.70 7.17
C ARG A 163 -4.28 -26.34 7.25
N LYS A 164 -3.78 -25.33 6.53
CA LYS A 164 -4.40 -24.01 6.52
C LYS A 164 -5.71 -23.99 5.73
N VAL A 165 -5.80 -24.85 4.71
CA VAL A 165 -6.96 -24.89 3.81
C VAL A 165 -8.19 -25.39 4.55
N PHE A 166 -8.01 -26.43 5.38
CA PHE A 166 -9.12 -27.08 6.07
C PHE A 166 -9.19 -26.65 7.52
N ARG A 167 -10.39 -26.25 7.95
CA ARG A 167 -10.69 -26.21 9.38
C ARG A 167 -10.96 -27.60 9.94
N SER A 168 -11.45 -28.51 9.11
CA SER A 168 -11.85 -29.85 9.52
C SER A 168 -10.62 -30.76 9.66
N PRO A 169 -10.80 -32.00 10.11
CA PRO A 169 -9.64 -32.92 10.22
C PRO A 169 -8.95 -33.26 8.88
N HIS A 170 -9.54 -32.93 7.73
CA HIS A 170 -8.89 -33.13 6.45
C HIS A 170 -7.62 -32.29 6.30
N GLY A 171 -7.39 -31.35 7.21
CA GLY A 171 -6.15 -30.61 7.25
C GLY A 171 -4.99 -31.30 7.96
N ARG A 172 -5.24 -32.42 8.63
CA ARG A 172 -4.21 -33.00 9.50
C ARG A 172 -3.05 -33.59 8.70
N GLU A 173 -1.88 -33.65 9.33
CA GLU A 173 -0.71 -34.28 8.69
C GLU A 173 -0.74 -35.79 8.92
N PRO A 174 -0.67 -36.61 7.85
CA PRO A 174 -0.76 -38.07 8.04
C PRO A 174 0.30 -38.66 8.96
N LEU A 175 1.45 -37.99 9.14
CA LEU A 175 2.49 -38.52 10.01
C LEU A 175 2.22 -38.19 11.47
N GLY A 176 1.16 -37.44 11.77
CA GLY A 176 0.83 -37.09 13.13
C GLY A 176 1.37 -35.74 13.56
N ARG A 177 1.20 -35.48 14.84
CA ARG A 177 1.82 -34.35 15.50
C ARG A 177 2.67 -34.89 16.62
N GLU A 178 3.74 -34.16 16.94
CA GLU A 178 4.72 -34.65 17.91
C GLU A 178 4.07 -34.95 19.26
N GLU A 179 3.22 -34.03 19.73
CA GLU A 179 2.55 -34.23 21.02
C GLU A 179 1.55 -35.38 20.97
N GLY A 180 0.89 -35.58 19.83
CA GLY A 180 -0.03 -36.71 19.72
C GLY A 180 0.71 -38.04 19.77
N LEU A 181 1.80 -38.16 19.01
CA LEU A 181 2.57 -39.38 19.00
C LEU A 181 3.18 -39.65 20.38
N LYS A 182 3.63 -38.59 21.06
CA LYS A 182 4.29 -38.76 22.37
C LYS A 182 3.32 -39.16 23.47
N GLY A 183 2.07 -38.70 23.41
CA GLY A 183 1.15 -38.94 24.49
C GLY A 183 0.23 -40.13 24.31
N ALA A 184 0.20 -40.72 23.10
CA ALA A 184 -0.70 -41.84 22.86
C ALA A 184 -0.36 -43.01 23.79
N ARG A 185 -1.35 -43.48 24.52
CA ARG A 185 -1.18 -44.59 25.45
C ARG A 185 -1.69 -45.90 24.84
N ALA A 186 -1.09 -47.00 25.31
CA ALA A 186 -1.33 -48.31 24.72
C ALA A 186 -2.82 -48.67 24.72
N GLU A 187 -3.47 -48.55 25.88
CA GLU A 187 -4.83 -49.06 25.96
C GLU A 187 -5.80 -48.19 25.16
N ALA A 188 -5.54 -46.88 25.08
CA ALA A 188 -6.34 -46.03 24.21
C ALA A 188 -6.15 -46.38 22.74
N LEU A 189 -4.91 -46.72 22.35
CA LEU A 189 -4.63 -47.11 20.97
C LEU A 189 -5.31 -48.42 20.61
N LYS A 190 -5.27 -49.42 21.52
CA LYS A 190 -5.98 -50.67 21.29
C LYS A 190 -7.48 -50.41 21.09
N ALA A 191 -8.05 -49.60 21.98
CA ALA A 191 -9.47 -49.23 21.85
C ALA A 191 -9.73 -48.55 20.51
N ASP A 192 -8.80 -47.69 20.08
CA ASP A 192 -8.92 -47.08 18.77
C ASP A 192 -8.84 -48.11 17.66
N TYR A 193 -7.92 -49.08 17.76
CA TYR A 193 -7.84 -50.16 16.77
C TYR A 193 -9.16 -50.92 16.67
N ARG A 194 -9.74 -51.30 17.81
CA ARG A 194 -10.98 -52.09 17.78
C ARG A 194 -12.12 -51.29 17.17
N ARG A 195 -12.07 -49.96 17.27
CA ARG A 195 -13.09 -49.10 16.69
C ARG A 195 -12.88 -48.88 15.19
N ARG A 196 -11.64 -48.57 14.75
CA ARG A 196 -11.47 -48.07 13.38
C ARG A 196 -11.00 -49.12 12.37
N TYR A 197 -10.40 -50.23 12.79
CA TYR A 197 -10.02 -51.26 11.83
C TYR A 197 -11.24 -52.13 11.56
N THR A 198 -12.09 -51.64 10.69
CA THR A 198 -13.38 -52.25 10.41
C THR A 198 -13.47 -52.63 8.95
N PRO A 199 -14.15 -53.73 8.62
CA PRO A 199 -14.39 -54.03 7.22
C PRO A 199 -15.42 -53.13 6.55
N LYS A 200 -16.25 -52.42 7.32
CA LYS A 200 -17.31 -51.57 6.74
C LYS A 200 -16.67 -50.27 6.28
N GLY A 201 -16.41 -50.17 4.97
CA GLY A 201 -15.61 -49.09 4.43
C GLY A 201 -14.24 -49.54 3.96
N ALA A 202 -13.81 -50.75 4.31
CA ALA A 202 -12.55 -51.28 3.80
C ALA A 202 -12.74 -51.79 2.38
N ILE A 203 -11.68 -51.72 1.60
CA ILE A 203 -11.68 -52.03 0.17
C ILE A 203 -10.48 -52.92 -0.13
N LEU A 204 -10.71 -54.03 -0.83
CA LEU A 204 -9.63 -54.86 -1.33
C LEU A 204 -9.75 -54.96 -2.83
N ALA A 205 -8.74 -54.47 -3.56
CA ALA A 205 -8.69 -54.51 -5.01
C ALA A 205 -7.50 -55.37 -5.44
N VAL A 206 -7.73 -56.30 -6.35
CA VAL A 206 -6.73 -57.29 -6.76
C VAL A 206 -6.65 -57.27 -8.28
N ALA A 207 -5.43 -57.41 -8.82
CA ALA A 207 -5.22 -57.55 -10.26
C ALA A 207 -4.18 -58.64 -10.50
N GLY A 208 -4.36 -59.40 -11.59
CA GLY A 208 -3.34 -60.37 -11.95
C GLY A 208 -3.93 -61.73 -12.24
N GLY A 209 -3.05 -62.74 -12.18
CA GLY A 209 -3.36 -64.06 -12.68
C GLY A 209 -4.02 -64.98 -11.68
N VAL A 210 -5.21 -64.60 -11.24
CA VAL A 210 -6.00 -65.40 -10.32
C VAL A 210 -7.45 -65.27 -10.75
N SER A 211 -8.17 -66.38 -10.72
CA SER A 211 -9.59 -66.36 -11.05
C SER A 211 -10.42 -65.86 -9.87
N TRP A 212 -11.66 -65.44 -10.16
CA TRP A 212 -12.54 -65.00 -9.09
C TRP A 212 -12.82 -66.12 -8.10
N GLU A 213 -13.01 -67.35 -8.59
CA GLU A 213 -13.29 -68.47 -7.71
C GLU A 213 -12.12 -68.75 -6.78
N ARG A 214 -10.90 -68.71 -7.30
CA ARG A 214 -9.75 -68.94 -6.43
C ARG A 214 -9.53 -67.79 -5.47
N LEU A 215 -9.85 -66.56 -5.88
CA LEU A 215 -9.70 -65.45 -4.95
C LEU A 215 -10.72 -65.54 -3.83
N ARG A 216 -11.95 -65.91 -4.17
CA ARG A 216 -13.00 -65.98 -3.16
C ARG A 216 -12.67 -67.02 -2.10
N ALA A 217 -12.13 -68.18 -2.52
CA ALA A 217 -11.72 -69.20 -1.56
C ALA A 217 -10.59 -68.70 -0.67
N ALA A 218 -9.67 -67.92 -1.22
CA ALA A 218 -8.56 -67.38 -0.43
C ALA A 218 -9.04 -66.35 0.61
N LEU A 219 -10.14 -65.64 0.35
CA LEU A 219 -10.60 -64.60 1.26
C LEU A 219 -11.43 -65.12 2.42
N GLU A 220 -11.73 -66.41 2.46
CA GLU A 220 -12.44 -67.01 3.60
C GLU A 220 -11.97 -66.53 4.97
N PRO A 221 -10.66 -66.46 5.28
CA PRO A 221 -10.24 -65.92 6.60
C PRO A 221 -10.69 -64.49 6.86
N PHE A 222 -10.96 -63.69 5.82
CA PHE A 222 -11.44 -62.33 6.04
C PHE A 222 -12.91 -62.27 6.44
N LEU A 223 -13.68 -63.35 6.23
CA LEU A 223 -15.10 -63.31 6.57
C LEU A 223 -15.32 -63.10 8.06
N ALA A 224 -14.38 -63.51 8.91
CA ALA A 224 -14.54 -63.37 10.35
C ALA A 224 -14.45 -61.91 10.80
N TRP A 225 -13.72 -61.08 10.05
CA TRP A 225 -13.55 -59.67 10.39
C TRP A 225 -14.91 -59.00 10.53
N GLU A 226 -15.13 -58.28 11.64
CA GLU A 226 -16.41 -57.61 11.89
C GLU A 226 -16.16 -56.21 12.46
N GLY A 227 -17.14 -55.33 12.28
CA GLY A 227 -16.97 -53.97 12.80
C GLY A 227 -18.13 -53.06 12.45
N GLU A 228 -18.08 -51.87 13.05
CA GLU A 228 -19.06 -50.84 12.74
C GLU A 228 -18.59 -50.02 11.54
N GLU A 229 -19.56 -49.34 10.94
CA GLU A 229 -19.29 -48.44 9.82
C GLU A 229 -18.27 -47.39 10.26
N ALA A 230 -17.38 -47.05 9.33
CA ALA A 230 -16.31 -46.10 9.61
C ALA A 230 -16.84 -44.67 9.54
N LEU A 231 -16.39 -43.83 10.48
CA LEU A 231 -16.81 -42.43 10.57
C LEU A 231 -15.89 -41.52 9.76
N TYR A 232 -16.50 -40.59 9.01
CA TYR A 232 -15.76 -39.60 8.22
CA TYR A 232 -15.74 -39.60 8.26
C TYR A 232 -16.40 -38.23 8.47
N PRO A 233 -15.67 -37.26 9.01
CA PRO A 233 -16.25 -35.93 9.22
C PRO A 233 -16.43 -35.20 7.89
N ALA A 234 -17.35 -34.24 7.87
CA ALA A 234 -17.56 -33.48 6.65
C ALA A 234 -16.40 -32.50 6.43
N PRO A 235 -16.01 -32.27 5.19
CA PRO A 235 -14.95 -31.29 4.94
C PRO A 235 -15.45 -29.89 5.21
N GLU A 236 -14.58 -29.06 5.77
CA GLU A 236 -14.90 -27.66 5.98
C GLU A 236 -13.67 -26.82 5.67
N LEU A 237 -13.79 -25.98 4.65
CA LEU A 237 -12.75 -25.04 4.28
C LEU A 237 -12.65 -23.88 5.26
N SER A 238 -11.43 -23.34 5.37
CA SER A 238 -11.19 -22.05 6.03
C SER A 238 -11.49 -20.93 5.03
N GLU A 239 -11.09 -19.64 5.36
CA GLU A 239 -11.14 -18.59 4.33
C GLU A 239 -9.76 -18.42 3.71
N PRO A 240 -9.65 -18.29 2.38
CA PRO A 240 -8.34 -18.19 1.74
C PRO A 240 -7.49 -17.09 2.38
N HIS A 241 -6.21 -17.40 2.59
CA HIS A 241 -5.29 -16.44 3.17
C HIS A 241 -3.87 -16.85 2.84
N ARG A 242 -2.96 -15.92 3.10
CA ARG A 242 -1.55 -16.10 2.84
C ARG A 242 -0.84 -16.33 4.15
N PHE A 243 0.08 -17.30 4.17
CA PHE A 243 0.85 -17.61 5.37
C PHE A 243 2.29 -17.89 4.97
N VAL A 244 3.19 -17.70 5.92
CA VAL A 244 4.64 -17.80 5.70
C VAL A 244 5.24 -18.65 6.81
N LEU A 245 6.08 -19.60 6.43
CA LEU A 245 6.94 -20.31 7.37
C LEU A 245 8.36 -19.85 7.12
N ARG A 246 8.89 -19.02 8.03
CA ARG A 246 10.23 -18.48 7.84
C ARG A 246 11.26 -19.54 8.19
N ARG A 247 12.08 -19.93 7.21
CA ARG A 247 13.09 -20.96 7.35
C ARG A 247 14.32 -20.58 6.54
N PRO A 248 15.50 -20.94 6.99
CA PRO A 248 16.73 -20.62 6.25
C PRO A 248 17.06 -21.66 5.17
N THR A 249 16.12 -21.88 4.26
CA THR A 249 16.31 -22.82 3.16
C THR A 249 17.08 -22.16 2.01
N ALA A 250 17.66 -22.99 1.14
CA ALA A 250 18.33 -22.45 -0.04
C ALA A 250 17.33 -21.87 -1.04
N GLN A 251 16.15 -22.48 -1.16
CA GLN A 251 15.13 -22.04 -2.07
C GLN A 251 13.84 -21.71 -1.32
N VAL A 252 13.12 -20.70 -1.80
CA VAL A 252 11.76 -20.43 -1.32
C VAL A 252 10.83 -21.48 -1.91
N GLN A 253 10.01 -22.09 -1.05
CA GLN A 253 8.95 -22.99 -1.48
C GLN A 253 7.66 -22.18 -1.63
N ILE A 254 7.06 -22.22 -2.82
CA ILE A 254 5.82 -21.50 -3.10
C ILE A 254 4.73 -22.53 -3.28
N GLY A 255 3.63 -22.37 -2.55
CA GLY A 255 2.47 -23.24 -2.72
C GLY A 255 1.17 -22.45 -2.85
N LEU A 256 0.32 -22.90 -3.80
CA LEU A 256 -1.01 -22.37 -4.03
C LEU A 256 -2.05 -23.47 -3.88
N ALA A 257 -3.21 -23.14 -3.32
CA ALA A 257 -4.30 -24.10 -3.23
C ALA A 257 -5.61 -23.43 -3.63
N TYR A 258 -6.37 -24.09 -4.52
CA TYR A 258 -7.66 -23.66 -5.02
C TYR A 258 -8.69 -24.76 -4.82
N PRO A 259 -9.93 -24.43 -4.47
CA PRO A 259 -11.00 -25.43 -4.54
C PRO A 259 -11.13 -25.91 -5.98
N ASP A 260 -11.40 -27.19 -6.14
CA ASP A 260 -11.53 -27.81 -7.47
C ASP A 260 -12.57 -28.91 -7.39
N VAL A 261 -13.05 -29.33 -8.57
CA VAL A 261 -13.84 -30.55 -8.61
C VAL A 261 -12.89 -31.74 -8.45
N GLY A 262 -13.41 -32.79 -7.85
CA GLY A 262 -12.68 -34.03 -7.80
C GLY A 262 -13.38 -35.04 -8.69
N PRO A 263 -13.05 -36.31 -8.51
CA PRO A 263 -13.71 -37.38 -9.28
C PRO A 263 -15.23 -37.42 -9.14
N GLU A 264 -15.78 -36.93 -8.03
CA GLU A 264 -17.22 -37.04 -7.80
C GLU A 264 -17.98 -35.88 -8.44
N ASP A 265 -17.72 -35.61 -9.72
CA ASP A 265 -18.30 -34.47 -10.36
C ASP A 265 -18.52 -34.83 -11.82
N PRO A 266 -19.65 -34.44 -12.41
CA PRO A 266 -19.87 -34.70 -13.84
C PRO A 266 -18.93 -33.90 -14.74
N GLY A 267 -18.31 -32.85 -14.21
CA GLY A 267 -17.34 -32.09 -14.95
C GLY A 267 -15.91 -32.61 -14.85
N PHE A 268 -15.71 -33.79 -14.27
CA PHE A 268 -14.35 -34.28 -13.98
C PHE A 268 -13.48 -34.39 -15.24
N TYR A 269 -14.01 -35.01 -16.30
CA TYR A 269 -13.19 -35.19 -17.50
C TYR A 269 -12.81 -33.84 -18.12
N ALA A 270 -13.72 -32.87 -18.12
CA ALA A 270 -13.36 -31.54 -18.61
C ALA A 270 -12.25 -30.93 -17.77
N ALA A 271 -12.34 -31.07 -16.45
CA ALA A 271 -11.34 -30.47 -15.57
C ALA A 271 -10.00 -31.18 -15.70
N ARG A 272 -10.03 -32.51 -15.89
CA ARG A 272 -8.83 -33.31 -16.07
C ARG A 272 -8.12 -32.96 -17.38
N LEU A 273 -8.89 -32.73 -18.45
CA LEU A 273 -8.27 -32.27 -19.68
C LEU A 273 -7.69 -30.87 -19.53
N ALA A 274 -8.39 -29.98 -18.84
CA ALA A 274 -7.84 -28.64 -18.62
C ALA A 274 -6.59 -28.70 -17.75
N LEU A 275 -6.57 -29.61 -16.77
CA LEU A 275 -5.37 -29.75 -15.95
C LEU A 275 -4.19 -30.24 -16.78
N GLU A 276 -4.43 -31.17 -17.71
CA GLU A 276 -3.37 -31.62 -18.60
C GLU A 276 -2.83 -30.47 -19.45
N VAL A 277 -3.71 -29.56 -19.90
CA VAL A 277 -3.23 -28.37 -20.62
C VAL A 277 -2.39 -27.49 -19.71
N LEU A 278 -2.81 -27.37 -18.44
CA LEU A 278 -2.11 -26.47 -17.51
C LEU A 278 -0.73 -27.00 -17.13
N SER A 279 -0.61 -28.30 -16.90
CA SER A 279 0.57 -28.79 -16.19
C SER A 279 0.99 -30.21 -16.58
N GLY A 280 0.49 -30.78 -17.66
CA GLY A 280 0.66 -32.19 -17.93
C GLY A 280 1.85 -32.57 -18.76
N GLY A 281 2.64 -31.61 -19.22
CA GLY A 281 3.81 -31.97 -20.01
C GLY A 281 4.61 -30.75 -20.39
N MET A 282 5.57 -31.00 -21.29
CA MET A 282 6.55 -29.97 -21.62
C MET A 282 5.93 -28.80 -22.37
N SER A 283 4.89 -29.01 -23.16
CA SER A 283 4.26 -27.88 -23.81
C SER A 283 3.17 -27.23 -22.97
N SER A 284 2.99 -27.65 -21.72
CA SER A 284 1.88 -27.12 -20.91
C SER A 284 2.12 -25.67 -20.49
N ARG A 285 1.05 -25.03 -20.00
CA ARG A 285 1.09 -23.60 -19.67
C ARG A 285 2.15 -23.29 -18.62
N LEU A 286 2.21 -24.10 -17.55
CA LEU A 286 3.13 -23.80 -16.45
C LEU A 286 4.58 -24.01 -16.85
N PHE A 287 4.88 -25.13 -17.49
CA PHE A 287 6.25 -25.37 -17.92
C PHE A 287 6.69 -24.29 -18.89
N THR A 288 5.85 -23.99 -19.87
CA THR A 288 6.15 -23.00 -20.90
C THR A 288 6.52 -21.65 -20.30
N GLU A 289 5.70 -21.13 -19.37
CA GLU A 289 5.82 -19.75 -18.90
C GLU A 289 6.81 -19.60 -17.75
N VAL A 290 6.79 -20.51 -16.78
CA VAL A 290 7.64 -20.39 -15.61
C VAL A 290 9.06 -20.88 -15.88
N ARG A 291 9.21 -21.93 -16.68
CA ARG A 291 10.50 -22.60 -16.80
C ARG A 291 11.16 -22.40 -18.16
N GLU A 292 10.48 -22.72 -19.25
CA GLU A 292 11.14 -22.69 -20.56
C GLU A 292 11.48 -21.26 -20.95
N LYS A 293 10.51 -20.35 -20.89
CA LYS A 293 10.74 -18.95 -21.29
C LYS A 293 11.59 -18.20 -20.26
N ARG A 294 11.21 -18.28 -18.98
CA ARG A 294 11.79 -17.38 -17.99
C ARG A 294 12.89 -18.03 -17.14
N GLY A 295 13.03 -19.34 -17.16
CA GLY A 295 14.12 -19.98 -16.42
C GLY A 295 14.05 -19.76 -14.92
N LEU A 296 12.85 -19.65 -14.35
CA LEU A 296 12.73 -19.26 -12.95
C LEU A 296 12.93 -20.43 -11.98
N VAL A 297 12.66 -21.65 -12.42
CA VAL A 297 12.59 -22.79 -11.52
C VAL A 297 13.18 -24.01 -12.21
N TYR A 298 13.58 -24.98 -11.40
CA TYR A 298 13.70 -26.33 -11.92
C TYR A 298 12.39 -27.09 -11.76
N ALA A 299 11.74 -26.98 -10.60
CA ALA A 299 10.54 -27.73 -10.29
C ALA A 299 9.32 -26.79 -10.27
N VAL A 300 8.29 -27.14 -11.05
CA VAL A 300 7.00 -26.48 -10.97
C VAL A 300 5.94 -27.52 -11.35
N SER A 301 4.77 -27.45 -10.72
CA SER A 301 3.72 -28.41 -11.06
C SER A 301 2.39 -27.97 -10.45
N ALA A 302 1.32 -28.50 -11.01
CA ALA A 302 -0.03 -28.40 -10.46
C ALA A 302 -0.65 -29.78 -10.49
N PHE A 303 -1.34 -30.16 -9.43
CA PHE A 303 -1.77 -31.54 -9.25
C PHE A 303 -2.96 -31.56 -8.30
N PRO A 304 -3.81 -32.57 -8.38
CA PRO A 304 -4.94 -32.64 -7.43
C PRO A 304 -4.45 -33.03 -6.05
N ALA A 305 -5.13 -32.48 -5.04
CA ALA A 305 -4.68 -32.71 -3.67
C ALA A 305 -5.84 -32.70 -2.68
N GLY A 306 -7.04 -33.05 -3.14
CA GLY A 306 -8.23 -32.97 -2.32
C GLY A 306 -8.58 -34.29 -1.65
N VAL A 307 -9.78 -34.29 -1.07
CA VAL A 307 -10.30 -35.41 -0.31
C VAL A 307 -11.67 -35.74 -0.87
N LYS A 308 -12.21 -36.87 -0.42
CA LYS A 308 -13.59 -37.18 -0.71
C LYS A 308 -14.49 -36.07 -0.15
N GLY A 309 -15.31 -35.48 -1.01
CA GLY A 309 -16.17 -34.38 -0.64
C GLY A 309 -15.59 -32.99 -0.86
N GLN A 310 -14.31 -32.87 -1.23
CA GLN A 310 -13.74 -31.55 -1.47
C GLN A 310 -12.47 -31.71 -2.31
N GLY A 311 -12.59 -31.47 -3.61
CA GLY A 311 -11.42 -31.43 -4.44
C GLY A 311 -10.60 -30.18 -4.17
N LEU A 312 -9.33 -30.27 -4.54
CA LEU A 312 -8.40 -29.16 -4.35
C LEU A 312 -7.34 -29.23 -5.44
N LEU A 313 -6.96 -28.07 -5.98
CA LEU A 313 -5.87 -27.98 -6.95
C LEU A 313 -4.71 -27.29 -6.26
N MET A 314 -3.56 -27.96 -6.21
CA MET A 314 -2.37 -27.40 -5.62
C MET A 314 -1.36 -27.11 -6.70
N ALA A 315 -0.70 -25.97 -6.60
CA ALA A 315 0.40 -25.60 -7.47
C ALA A 315 1.63 -25.38 -6.60
N TYR A 316 2.79 -25.78 -7.14
CA TYR A 316 4.06 -25.74 -6.44
C TYR A 316 5.16 -25.21 -7.36
N ALA A 317 6.07 -24.42 -6.80
CA ALA A 317 7.28 -24.04 -7.50
C ALA A 317 8.36 -23.80 -6.46
N GLY A 318 9.60 -24.12 -6.80
CA GLY A 318 10.77 -23.79 -5.96
C GLY A 318 11.69 -22.85 -6.72
N THR A 319 12.09 -21.76 -6.06
CA THR A 319 12.99 -20.78 -6.68
C THR A 319 13.78 -20.07 -5.60
N THR A 320 14.62 -19.14 -6.01
CA THR A 320 15.36 -18.28 -5.07
C THR A 320 14.49 -17.14 -4.58
N LYS A 321 14.85 -16.58 -3.41
CA LYS A 321 14.04 -15.52 -2.85
C LYS A 321 14.02 -14.29 -3.75
N GLU A 322 15.08 -14.07 -4.53
CA GLU A 322 15.11 -12.97 -5.47
C GLU A 322 14.06 -13.12 -6.56
N ARG A 323 13.76 -14.36 -6.97
CA ARG A 323 12.79 -14.59 -8.02
C ARG A 323 11.43 -15.03 -7.51
N ALA A 324 11.22 -15.10 -6.19
CA ALA A 324 9.99 -15.67 -5.68
C ALA A 324 8.78 -14.82 -6.06
N GLY A 325 8.93 -13.49 -6.06
CA GLY A 325 7.78 -12.64 -6.37
C GLY A 325 7.29 -12.82 -7.79
N GLU A 326 8.20 -12.79 -8.76
CA GLU A 326 7.83 -13.01 -10.16
C GLU A 326 7.31 -14.43 -10.39
N THR A 327 7.95 -15.43 -9.78
CA THR A 327 7.48 -16.81 -9.92
C THR A 327 6.03 -16.96 -9.45
N LEU A 328 5.74 -16.45 -8.26
CA LEU A 328 4.39 -16.54 -7.72
C LEU A 328 3.37 -15.81 -8.60
N GLU A 329 3.78 -14.67 -9.15
CA GLU A 329 2.89 -13.90 -10.03
C GLU A 329 2.60 -14.69 -11.30
N VAL A 330 3.63 -15.25 -11.92
CA VAL A 330 3.42 -15.99 -13.17
C VAL A 330 2.62 -17.27 -12.89
N LEU A 331 2.99 -17.99 -11.83
CA LEU A 331 2.27 -19.20 -11.46
C LEU A 331 0.79 -18.90 -11.25
N ARG A 332 0.48 -17.90 -10.42
CA ARG A 332 -0.91 -17.59 -10.15
C ARG A 332 -1.61 -17.12 -11.43
N ALA A 333 -0.94 -16.33 -12.27
CA ALA A 333 -1.58 -15.84 -13.49
C ALA A 333 -1.96 -16.98 -14.42
N GLU A 334 -1.08 -17.98 -14.57
CA GLU A 334 -1.38 -19.08 -15.47
C GLU A 334 -2.56 -19.91 -14.99
N VAL A 335 -2.63 -20.22 -13.69
CA VAL A 335 -3.78 -20.98 -13.17
C VAL A 335 -5.08 -20.21 -13.39
N GLU A 336 -5.07 -18.91 -13.09
CA GLU A 336 -6.34 -18.17 -13.15
C GLU A 336 -6.72 -17.76 -14.56
N ARG A 337 -5.77 -17.74 -15.46
CA ARG A 337 -6.04 -17.46 -16.86
C ARG A 337 -6.73 -18.66 -17.56
N LEU A 338 -6.63 -19.82 -16.94
CA LEU A 338 -7.23 -21.01 -17.52
C LEU A 338 -8.72 -20.81 -17.79
N ALA A 339 -9.39 -19.97 -17.00
CA ALA A 339 -10.82 -19.73 -17.17
C ALA A 339 -11.15 -19.22 -18.58
N GLU A 340 -10.20 -18.57 -19.26
CA GLU A 340 -10.40 -18.06 -20.61
C GLU A 340 -10.47 -19.16 -21.67
N GLY A 341 -10.13 -20.41 -21.34
CA GLY A 341 -10.30 -21.54 -22.24
C GLY A 341 -8.98 -22.08 -22.76
N VAL A 342 -9.09 -23.17 -23.51
CA VAL A 342 -7.93 -23.75 -24.18
C VAL A 342 -8.23 -23.79 -25.68
N THR A 343 -7.16 -23.92 -26.48
CA THR A 343 -7.28 -23.95 -27.93
C THR A 343 -7.55 -25.36 -28.44
N GLU A 344 -7.96 -25.44 -29.68
CA GLU A 344 -8.18 -26.68 -30.36
C GLU A 344 -6.88 -27.53 -30.29
N GLU A 345 -5.72 -26.95 -30.60
CA GLU A 345 -4.47 -27.71 -30.59
C GLU A 345 -4.08 -28.16 -29.18
N GLU A 346 -4.19 -27.25 -28.21
CA GLU A 346 -3.94 -27.60 -26.82
C GLU A 346 -4.78 -28.80 -26.41
N LEU A 347 -6.07 -28.78 -26.77
CA LEU A 347 -6.94 -29.87 -26.37
C LEU A 347 -6.57 -31.17 -27.08
N SER A 348 -6.25 -31.09 -28.37
CA SER A 348 -5.83 -32.28 -29.12
C SER A 348 -4.62 -32.94 -28.48
N ARG A 349 -3.62 -32.14 -28.10
CA ARG A 349 -2.41 -32.67 -27.47
C ARG A 349 -2.74 -33.30 -26.13
N ALA A 350 -3.67 -32.69 -25.38
CA ALA A 350 -4.00 -33.20 -24.06
C ALA A 350 -4.65 -34.57 -24.16
N LYS A 351 -5.53 -34.75 -25.16
CA LYS A 351 -6.18 -36.05 -25.32
C LYS A 351 -5.16 -37.13 -25.68
N VAL A 352 -4.20 -36.85 -26.57
CA VAL A 352 -3.26 -37.93 -26.93
C VAL A 352 -2.33 -38.24 -25.78
N GLY A 353 -1.91 -37.21 -25.03
CA GLY A 353 -1.03 -37.45 -23.89
C GLY A 353 -1.69 -38.28 -22.82
N LEU A 354 -2.91 -37.91 -22.42
CA LEU A 354 -3.64 -38.67 -21.41
C LEU A 354 -3.90 -40.09 -21.86
N LYS A 355 -4.27 -40.29 -23.13
CA LYS A 355 -4.45 -41.64 -23.63
C LYS A 355 -3.19 -42.47 -23.39
N THR A 356 -2.03 -41.93 -23.79
CA THR A 356 -0.77 -42.66 -23.59
C THR A 356 -0.54 -42.94 -22.12
N ALA A 357 -0.73 -41.93 -21.27
CA ALA A 357 -0.53 -42.15 -19.84
C ALA A 357 -1.48 -43.22 -19.30
N LEU A 358 -2.74 -43.22 -19.74
CA LEU A 358 -3.68 -44.21 -19.24
C LEU A 358 -3.24 -45.62 -19.66
N VAL A 359 -2.83 -45.77 -20.92
CA VAL A 359 -2.40 -47.09 -21.40
C VAL A 359 -1.18 -47.58 -20.63
N MET A 360 -0.23 -46.67 -20.32
CA MET A 360 0.97 -47.07 -19.61
C MET A 360 0.68 -47.37 -18.14
N ALA A 361 -0.23 -46.60 -17.52
CA ALA A 361 -0.60 -46.86 -16.12
C ALA A 361 -1.47 -48.10 -15.97
N ASP A 362 -2.07 -48.59 -17.06
CA ASP A 362 -2.82 -49.85 -17.03
C ASP A 362 -1.90 -51.07 -17.15
N GLU A 363 -0.65 -50.88 -17.56
CA GLU A 363 0.21 -52.02 -17.84
C GLU A 363 0.51 -52.83 -16.59
N SER A 364 0.83 -52.16 -15.48
CA SER A 364 1.27 -52.83 -14.27
C SER A 364 0.09 -53.23 -13.37
N ILE A 365 0.15 -54.45 -12.84
CA ILE A 365 -0.94 -54.91 -12.00
C ILE A 365 -0.93 -54.16 -10.68
N ARG A 366 0.25 -53.73 -10.24
CA ARG A 366 0.32 -52.98 -8.99
C ARG A 366 -0.37 -51.63 -9.13
N SER A 367 -0.09 -50.92 -10.22
CA SER A 367 -0.74 -49.63 -10.39
C SER A 367 -2.23 -49.79 -10.69
N ARG A 368 -2.62 -50.89 -11.35
CA ARG A 368 -4.03 -51.13 -11.62
C ARG A 368 -4.80 -51.45 -10.34
N ALA A 369 -4.22 -52.27 -9.45
CA ALA A 369 -4.84 -52.49 -8.15
C ALA A 369 -5.05 -51.18 -7.39
N ALA A 370 -4.04 -50.31 -7.39
CA ALA A 370 -4.15 -49.02 -6.73
C ALA A 370 -5.27 -48.15 -7.34
N SER A 371 -5.33 -48.07 -8.67
CA SER A 371 -6.38 -47.30 -9.33
C SER A 371 -7.76 -47.85 -9.02
N MET A 372 -7.91 -49.18 -9.08
CA MET A 372 -9.19 -49.78 -8.76
C MET A 372 -9.64 -49.39 -7.36
N ALA A 373 -8.71 -49.37 -6.41
CA ALA A 373 -9.07 -49.10 -5.02
C ALA A 373 -9.50 -47.65 -4.82
N ARG A 374 -8.83 -46.70 -5.49
CA ARG A 374 -9.22 -45.30 -5.37
C ARG A 374 -10.58 -45.05 -6.00
N ASP A 375 -10.81 -45.62 -7.19
CA ASP A 375 -12.12 -45.58 -7.81
C ASP A 375 -13.20 -46.07 -6.86
N LEU A 376 -12.96 -47.23 -6.23
CA LEU A 376 -13.96 -47.77 -5.31
C LEU A 376 -14.17 -46.85 -4.12
N TYR A 377 -13.08 -46.32 -3.57
CA TYR A 377 -13.19 -45.35 -2.47
C TYR A 377 -14.01 -44.13 -2.89
N MET A 378 -13.72 -43.56 -4.06
CA MET A 378 -14.31 -42.27 -4.41
C MET A 378 -15.67 -42.41 -5.09
N LEU A 379 -15.87 -43.46 -5.87
CA LEU A 379 -17.08 -43.60 -6.68
C LEU A 379 -17.93 -44.82 -6.33
N GLY A 380 -17.39 -45.78 -5.58
CA GLY A 380 -18.09 -47.02 -5.27
C GLY A 380 -18.19 -47.99 -6.43
N ARG A 381 -17.49 -47.72 -7.52
CA ARG A 381 -17.48 -48.57 -8.71
C ARG A 381 -16.07 -48.52 -9.28
N VAL A 382 -15.74 -49.48 -10.13
CA VAL A 382 -14.47 -49.46 -10.86
C VAL A 382 -14.74 -49.00 -12.29
N ARG A 383 -14.06 -47.94 -12.72
CA ARG A 383 -14.16 -47.51 -14.10
C ARG A 383 -13.26 -48.36 -15.00
N SER A 384 -13.79 -48.78 -16.15
CA SER A 384 -12.97 -49.52 -17.09
C SER A 384 -12.05 -48.55 -17.81
N LEU A 385 -10.89 -49.05 -18.24
CA LEU A 385 -10.00 -48.26 -19.08
C LEU A 385 -10.72 -47.79 -20.34
N SER A 386 -11.47 -48.67 -20.99
CA SER A 386 -12.16 -48.28 -22.22
C SER A 386 -13.15 -47.14 -21.97
N GLU A 387 -13.85 -47.16 -20.84
CA GLU A 387 -14.80 -46.10 -20.52
C GLU A 387 -14.10 -44.75 -20.37
N ILE A 388 -12.97 -44.74 -19.66
CA ILE A 388 -12.23 -43.50 -19.43
C ILE A 388 -11.67 -42.97 -20.75
N GLU A 389 -11.03 -43.82 -21.53
CA GLU A 389 -10.45 -43.35 -22.80
C GLU A 389 -11.51 -42.74 -23.71
N ALA A 390 -12.66 -43.41 -23.84
CA ALA A 390 -13.72 -42.89 -24.71
C ALA A 390 -14.28 -41.59 -24.16
N ALA A 391 -14.41 -41.49 -22.84
CA ALA A 391 -14.96 -40.25 -22.29
C ALA A 391 -14.01 -39.09 -22.52
N ILE A 392 -12.70 -39.34 -22.41
CA ILE A 392 -11.73 -38.28 -22.61
C ILE A 392 -11.65 -37.90 -24.09
N GLU A 393 -11.54 -38.90 -24.97
CA GLU A 393 -11.51 -38.63 -26.40
C GLU A 393 -12.73 -37.86 -26.85
N GLY A 394 -13.89 -38.17 -26.27
CA GLY A 394 -15.14 -37.55 -26.65
C GLY A 394 -15.58 -36.46 -25.71
N THR A 395 -14.64 -35.66 -25.20
CA THR A 395 -14.96 -34.41 -24.54
C THR A 395 -14.60 -33.29 -25.51
N SER A 396 -15.60 -32.47 -25.85
CA SER A 396 -15.42 -31.45 -26.87
C SER A 396 -14.76 -30.21 -26.31
N LEU A 397 -14.21 -29.40 -27.22
CA LEU A 397 -13.66 -28.10 -26.83
C LEU A 397 -14.72 -27.23 -26.16
N GLU A 398 -15.93 -27.17 -26.73
CA GLU A 398 -16.98 -26.35 -26.14
C GLU A 398 -17.32 -26.81 -24.72
N ALA A 399 -17.34 -28.13 -24.48
CA ALA A 399 -17.59 -28.62 -23.13
C ALA A 399 -16.49 -28.17 -22.16
N VAL A 400 -15.23 -28.22 -22.60
CA VAL A 400 -14.14 -27.80 -21.73
C VAL A 400 -14.21 -26.29 -21.48
N ASN A 401 -14.42 -25.51 -22.56
CA ASN A 401 -14.52 -24.06 -22.41
C ASN A 401 -15.67 -23.65 -21.49
N ALA A 402 -16.84 -24.28 -21.67
CA ALA A 402 -17.98 -23.90 -20.86
C ALA A 402 -17.76 -24.23 -19.39
N PHE A 403 -17.15 -25.38 -19.12
CA PHE A 403 -16.84 -25.75 -17.74
C PHE A 403 -15.85 -24.76 -17.13
N LEU A 404 -14.79 -24.42 -17.87
CA LEU A 404 -13.76 -23.51 -17.36
C LEU A 404 -14.34 -22.12 -17.08
N ARG A 405 -15.27 -21.64 -17.90
CA ARG A 405 -15.91 -20.35 -17.60
C ARG A 405 -16.78 -20.44 -16.36
N ALA A 406 -17.51 -21.54 -16.19
CA ALA A 406 -18.37 -21.66 -15.02
C ALA A 406 -17.60 -21.94 -13.73
N HIS A 407 -16.37 -22.45 -13.83
CA HIS A 407 -15.58 -22.84 -12.66
C HIS A 407 -14.17 -22.25 -12.79
N PRO A 408 -14.02 -20.96 -12.59
CA PRO A 408 -12.67 -20.37 -12.64
C PRO A 408 -11.92 -20.63 -11.34
N TYR A 409 -10.59 -20.71 -11.43
CA TYR A 409 -9.76 -20.82 -10.24
C TYR A 409 -9.50 -19.42 -9.73
N ARG A 410 -9.92 -19.15 -8.51
CA ARG A 410 -9.83 -17.81 -7.94
C ARG A 410 -9.54 -17.96 -6.46
N ASP A 411 -8.92 -16.92 -5.89
CA ASP A 411 -8.83 -16.74 -4.44
C ASP A 411 -8.08 -17.88 -3.76
N PRO A 412 -6.82 -18.11 -4.11
CA PRO A 412 -6.10 -19.24 -3.53
C PRO A 412 -5.68 -18.96 -2.10
N TRP A 413 -5.49 -20.04 -1.34
CA TRP A 413 -4.57 -20.01 -0.23
C TRP A 413 -3.15 -19.94 -0.78
N VAL A 414 -2.31 -19.13 -0.15
CA VAL A 414 -0.93 -18.93 -0.60
C VAL A 414 0.00 -19.25 0.56
N GLY A 415 0.95 -20.16 0.33
CA GLY A 415 1.93 -20.52 1.34
C GLY A 415 3.34 -20.32 0.84
N LEU A 416 4.19 -19.75 1.69
CA LEU A 416 5.60 -19.62 1.37
C LEU A 416 6.41 -20.17 2.53
N LEU A 417 7.49 -20.86 2.19
CA LEU A 417 8.42 -21.39 3.15
C LEU A 417 9.82 -21.00 2.69
N GLY A 418 10.55 -20.28 3.53
CA GLY A 418 11.85 -19.78 3.12
C GLY A 418 12.17 -18.49 3.85
N GLU A 419 13.18 -17.79 3.34
CA GLU A 419 13.56 -16.49 3.85
C GLU A 419 12.60 -15.46 3.24
N VAL A 420 11.45 -15.31 3.89
CA VAL A 420 10.36 -14.47 3.40
C VAL A 420 9.83 -13.64 4.57
N GLU A 421 9.52 -12.37 4.31
CA GLU A 421 9.04 -11.49 5.36
C GLU A 421 7.58 -11.79 5.70
N ASP A 422 7.17 -11.41 6.90
CA ASP A 422 5.79 -11.57 7.33
C ASP A 422 5.48 -10.62 8.48
N VAL A 423 4.19 -10.43 8.73
CA VAL A 423 3.70 -9.54 9.78
C VAL A 423 2.61 -10.25 10.56
N HIS B 20 20.91 32.89 -14.36
CA HIS B 20 20.86 32.92 -12.90
C HIS B 20 22.15 32.39 -12.28
N MET B 21 23.07 33.30 -11.98
CA MET B 21 24.17 32.97 -11.09
C MET B 21 23.79 33.40 -9.68
N SER B 22 24.42 32.76 -8.70
CA SER B 22 24.28 33.17 -7.32
C SER B 22 25.60 33.74 -6.82
N ARG B 23 25.51 34.56 -5.79
CA ARG B 23 26.68 35.15 -5.17
C ARG B 23 26.67 34.83 -3.69
N VAL B 24 27.78 34.31 -3.18
CA VAL B 24 27.91 33.88 -1.80
C VAL B 24 28.99 34.70 -1.14
N GLU B 25 28.79 35.02 0.11
CA GLU B 25 29.73 35.77 0.85
C GLU B 25 29.55 35.51 2.34
N ARG B 26 30.64 35.52 3.07
CA ARG B 26 30.59 35.35 4.52
C ARG B 26 30.82 36.69 5.19
N LEU B 27 29.90 37.09 6.05
CA LEU B 27 30.01 38.37 6.77
C LEU B 27 31.07 38.27 7.85
N PRO B 28 31.58 39.42 8.32
CA PRO B 28 32.60 39.39 9.38
C PRO B 28 32.22 38.57 10.60
N ASN B 29 30.94 38.47 10.96
CA ASN B 29 30.55 37.70 12.14
C ASN B 29 30.34 36.21 11.86
N GLY B 30 30.46 35.79 10.61
CA GLY B 30 30.37 34.38 10.26
C GLY B 30 29.07 33.96 9.59
N LEU B 31 28.07 34.83 9.56
CA LEU B 31 26.84 34.54 8.84
C LEU B 31 27.11 34.43 7.35
N VAL B 32 26.71 33.30 6.73
CA VAL B 32 26.86 33.13 5.29
C VAL B 32 25.61 33.69 4.61
N VAL B 33 25.81 34.51 3.57
CA VAL B 33 24.70 35.09 2.83
C VAL B 33 24.84 34.77 1.36
N ALA B 34 23.73 34.40 0.72
CA ALA B 34 23.74 34.00 -0.68
C ALA B 34 22.56 34.66 -1.40
N LEU B 35 22.80 35.09 -2.63
CA LEU B 35 21.75 35.76 -3.40
C LEU B 35 21.71 35.24 -4.82
N GLU B 36 20.53 34.84 -5.28
CA GLU B 36 20.30 34.59 -6.70
C GLU B 36 19.35 35.66 -7.19
N GLU B 37 19.89 36.70 -7.81
CA GLU B 37 19.05 37.79 -8.30
C GLU B 37 18.25 37.33 -9.52
N ARG B 38 17.00 37.77 -9.59
CA ARG B 38 16.12 37.47 -10.71
C ARG B 38 15.33 38.70 -11.12
N ASP B 39 14.73 38.61 -12.30
CA ASP B 39 13.85 39.65 -12.82
C ASP B 39 12.42 39.35 -12.38
N PHE B 40 12.18 39.58 -11.08
CA PHE B 40 10.92 39.19 -10.49
C PHE B 40 10.57 40.22 -9.44
N PRO B 41 9.38 40.71 -9.42
CA PRO B 41 9.02 41.78 -8.48
C PRO B 41 8.62 41.23 -7.11
N GLY B 42 9.55 40.53 -6.48
CA GLY B 42 9.33 39.86 -5.22
C GLY B 42 10.61 39.30 -4.65
N VAL B 43 10.70 39.19 -3.33
CA VAL B 43 11.90 38.73 -2.65
C VAL B 43 11.47 37.65 -1.67
N ALA B 44 12.26 36.59 -1.59
CA ALA B 44 12.10 35.52 -0.62
C ALA B 44 13.45 35.20 0.01
N PHE B 45 13.44 34.82 1.29
CA PHE B 45 14.66 34.35 1.92
C PHE B 45 14.34 33.14 2.77
N GLN B 46 15.38 32.34 3.00
CA GLN B 46 15.35 31.26 3.98
C GLN B 46 16.54 31.47 4.90
N LEU B 47 16.26 31.69 6.18
CA LEU B 47 17.31 31.86 7.18
C LEU B 47 17.35 30.63 8.06
N LEU B 48 18.53 30.02 8.15
CA LEU B 48 18.74 28.82 8.93
C LEU B 48 19.63 29.17 10.11
N VAL B 49 19.14 28.93 11.31
CA VAL B 49 19.92 29.11 12.54
C VAL B 49 20.34 27.72 13.03
N PRO B 50 21.62 27.50 13.39
CA PRO B 50 22.11 26.15 13.73
C PRO B 50 21.71 25.66 15.12
N ALA B 51 20.44 25.86 15.48
CA ALA B 51 19.84 25.30 16.69
C ALA B 51 18.74 24.34 16.27
N GLY B 52 18.84 23.10 16.74
CA GLY B 52 17.87 22.09 16.38
C GLY B 52 17.77 21.08 17.50
N ALA B 53 16.86 20.12 17.33
CA ALA B 53 16.73 19.08 18.34
C ALA B 53 18.06 18.35 18.57
N VAL B 54 18.96 18.35 17.57
CA VAL B 54 20.18 17.53 17.65
C VAL B 54 21.15 18.12 18.66
N ASN B 55 21.09 19.43 18.92
CA ASN B 55 21.92 20.00 19.97
C ASN B 55 21.06 20.67 21.04
N ASP B 56 19.83 20.20 21.21
CA ASP B 56 19.07 20.53 22.41
C ASP B 56 19.88 20.05 23.62
N PRO B 57 19.99 20.85 24.68
CA PRO B 57 20.67 20.37 25.89
C PRO B 57 20.07 19.07 26.38
N GLU B 58 20.92 18.24 26.99
CA GLU B 58 20.48 16.97 27.57
C GLU B 58 19.33 17.19 28.54
N GLY B 59 18.26 16.40 28.38
CA GLY B 59 17.10 16.51 29.22
C GLY B 59 16.15 17.65 28.88
N MET B 60 16.57 18.58 28.03
CA MET B 60 15.67 19.62 27.56
C MET B 60 15.29 19.39 26.10
N GLU B 61 14.83 18.18 25.78
CA GLU B 61 14.46 17.85 24.41
C GLU B 61 13.20 18.63 24.05
N GLY B 62 13.33 19.52 23.07
CA GLY B 62 12.29 20.49 22.75
C GLY B 62 12.71 21.94 22.86
N ALA B 63 13.94 22.21 23.34
CA ALA B 63 14.37 23.57 23.62
C ALA B 63 14.39 24.43 22.38
N ALA B 64 14.82 23.89 21.25
CA ALA B 64 14.82 24.66 20.02
C ALA B 64 13.40 24.99 19.58
N ALA B 65 12.47 24.06 19.79
CA ALA B 65 11.08 24.31 19.45
C ALA B 65 10.50 25.42 20.32
N LEU B 66 10.85 25.42 21.61
CA LEU B 66 10.39 26.47 22.51
C LEU B 66 11.02 27.81 22.15
N LEU B 67 12.33 27.82 21.89
CA LEU B 67 13.02 29.06 21.52
C LEU B 67 12.38 29.72 20.31
N GLU B 68 12.08 28.94 19.27
CA GLU B 68 11.55 29.54 18.05
C GLU B 68 10.21 30.21 18.32
N GLY B 69 9.33 29.56 19.09
CA GLY B 69 8.08 30.21 19.47
C GLY B 69 8.30 31.42 20.37
N TRP B 70 9.29 31.35 21.24
CA TRP B 70 9.53 32.39 22.23
C TRP B 70 10.01 33.69 21.58
N LEU B 71 10.74 33.59 20.46
CA LEU B 71 11.19 34.79 19.76
C LEU B 71 10.01 35.67 19.36
N TRP B 72 8.93 35.06 18.85
CA TRP B 72 7.78 35.83 18.40
C TRP B 72 7.00 36.47 19.55
N LYS B 73 7.37 36.21 20.80
CA LYS B 73 6.71 36.92 21.89
C LYS B 73 7.19 38.36 22.05
N GLY B 74 8.05 38.83 21.18
CA GLY B 74 8.40 40.24 21.15
C GLY B 74 9.89 40.43 20.93
N ALA B 75 10.26 41.64 20.54
CA ALA B 75 11.65 42.01 20.27
C ALA B 75 11.76 43.52 20.32
N GLY B 76 12.88 44.01 20.85
CA GLY B 76 13.01 45.44 21.07
C GLY B 76 11.80 46.02 21.78
N ASP B 77 11.25 47.09 21.21
CA ASP B 77 10.10 47.76 21.81
C ASP B 77 8.77 47.16 21.39
N LEU B 78 8.80 46.03 20.70
CA LEU B 78 7.58 45.45 20.15
C LEU B 78 7.20 44.23 20.97
N ASP B 79 5.96 44.21 21.46
CA ASP B 79 5.44 43.01 22.08
C ASP B 79 4.96 42.06 20.99
N ALA B 80 4.42 40.91 21.41
CA ALA B 80 4.02 39.86 20.46
C ALA B 80 3.08 40.40 19.38
N ARG B 81 1.98 41.01 19.79
CA ARG B 81 1.01 41.47 18.80
C ARG B 81 1.59 42.55 17.90
N ALA B 82 2.35 43.49 18.48
CA ALA B 82 2.94 44.56 17.69
C ALA B 82 3.94 44.03 16.67
N LEU B 83 4.72 43.02 17.05
CA LEU B 83 5.68 42.46 16.11
C LEU B 83 4.97 41.78 14.95
N ALA B 84 3.90 41.04 15.24
CA ALA B 84 3.17 40.36 14.19
C ALA B 84 2.47 41.36 13.27
N GLN B 85 1.97 42.46 13.84
CA GLN B 85 1.29 43.45 13.02
C GLN B 85 2.28 44.20 12.13
N ALA B 86 3.48 44.50 12.66
CA ALA B 86 4.47 45.25 11.86
C ALA B 86 4.90 44.45 10.63
N LEU B 87 5.07 43.13 10.78
CA LEU B 87 5.45 42.31 9.64
C LEU B 87 4.26 42.10 8.71
N ASP B 88 3.06 41.93 9.27
CA ASP B 88 1.87 41.81 8.43
C ASP B 88 1.60 43.12 7.69
N ALA B 89 1.93 44.26 8.29
CA ALA B 89 1.73 45.53 7.60
C ALA B 89 2.69 45.71 6.43
N LEU B 90 3.82 45.01 6.42
CA LEU B 90 4.72 45.01 5.27
C LEU B 90 4.38 43.89 4.30
N GLY B 91 3.32 43.15 4.55
CA GLY B 91 2.92 42.06 3.67
C GLY B 91 3.92 40.93 3.63
N VAL B 92 4.52 40.59 4.77
CA VAL B 92 5.42 39.44 4.84
C VAL B 92 4.58 38.18 5.03
N ARG B 93 4.64 37.28 4.06
CA ARG B 93 4.17 35.92 4.26
C ARG B 93 5.35 35.11 4.79
N ARG B 94 5.14 34.34 5.86
CA ARG B 94 6.27 33.79 6.57
C ARG B 94 5.88 32.50 7.27
N SER B 95 6.91 31.72 7.61
CA SER B 95 6.70 30.52 8.40
C SER B 95 8.06 30.17 8.99
N SER B 96 8.03 29.51 10.14
CA SER B 96 9.28 29.13 10.80
C SER B 96 9.03 27.95 11.72
N GLY B 97 10.08 27.18 11.96
CA GLY B 97 9.95 26.08 12.88
C GLY B 97 11.30 25.45 13.16
N ALA B 98 11.44 24.84 14.33
CA ALA B 98 12.69 24.17 14.66
C ALA B 98 12.67 22.77 14.07
N GLY B 99 13.76 22.40 13.39
CA GLY B 99 13.90 21.09 12.82
C GLY B 99 14.86 20.21 13.59
N LEU B 100 15.27 19.12 12.96
CA LEU B 100 16.23 18.21 13.56
C LEU B 100 17.62 18.83 13.64
N GLU B 101 18.07 19.46 12.54
CA GLU B 101 19.42 19.98 12.47
C GLU B 101 19.51 21.50 12.53
N TYR B 102 18.40 22.22 12.35
CA TYR B 102 18.44 23.67 12.39
C TYR B 102 17.03 24.21 12.54
N THR B 103 16.94 25.52 12.71
CA THR B 103 15.68 26.24 12.78
C THR B 103 15.60 27.12 11.55
N ALA B 104 14.50 26.98 10.80
CA ALA B 104 14.35 27.62 9.52
C ALA B 104 13.36 28.77 9.67
N PHE B 105 13.69 29.93 9.11
CA PHE B 105 12.81 31.09 9.04
C PHE B 105 12.64 31.46 7.57
N ALA B 106 11.41 31.35 7.04
CA ALA B 106 11.15 31.70 5.65
C ALA B 106 10.28 32.95 5.59
N ALA B 107 10.53 33.80 4.59
CA ALA B 107 9.78 35.04 4.42
C ALA B 107 9.78 35.42 2.95
N ALA B 108 8.64 35.91 2.49
CA ALA B 108 8.50 36.39 1.12
C ALA B 108 7.74 37.72 1.16
N PHE B 109 8.19 38.66 0.35
CA PHE B 109 7.65 40.01 0.39
C PHE B 109 7.98 40.69 -0.93
N LEU B 110 7.42 41.90 -1.11
CA LEU B 110 7.72 42.70 -2.28
C LEU B 110 8.98 43.52 -2.04
N PRO B 111 9.68 43.93 -3.09
CA PRO B 111 11.01 44.55 -2.91
C PRO B 111 11.00 45.88 -2.16
N GLU B 112 9.90 46.63 -2.17
CA GLU B 112 9.88 47.96 -1.55
C GLU B 112 10.19 47.89 -0.06
N VAL B 113 9.81 46.82 0.62
CA VAL B 113 9.90 46.74 2.08
C VAL B 113 11.15 46.00 2.55
N LEU B 114 12.07 45.68 1.63
CA LEU B 114 13.29 44.94 1.96
C LEU B 114 13.95 45.39 3.25
N ASP B 115 14.30 46.68 3.34
CA ASP B 115 15.12 47.18 4.43
C ASP B 115 14.45 46.97 5.77
N GLU B 116 13.18 47.35 5.89
CA GLU B 116 12.50 47.23 7.17
C GLU B 116 12.24 45.76 7.54
N VAL B 117 11.98 44.90 6.55
CA VAL B 117 11.74 43.49 6.85
C VAL B 117 12.97 42.88 7.51
N PHE B 118 14.15 43.19 6.98
CA PHE B 118 15.38 42.64 7.53
C PHE B 118 15.76 43.29 8.85
N ARG B 119 15.42 44.57 9.03
CA ARG B 119 15.67 45.22 10.31
C ARG B 119 14.88 44.56 11.42
N LEU B 120 13.62 44.21 11.14
CA LEU B 120 12.80 43.52 12.15
C LEU B 120 13.33 42.11 12.41
N TYR B 121 13.73 41.40 11.36
CA TYR B 121 14.27 40.05 11.55
C TYR B 121 15.58 40.08 12.33
N ALA B 122 16.42 41.09 12.10
CA ALA B 122 17.62 41.21 12.95
C ALA B 122 17.22 41.42 14.41
N LEU B 123 16.21 42.26 14.64
CA LEU B 123 15.74 42.52 15.99
C LEU B 123 15.19 41.25 16.64
N LEU B 124 14.38 40.50 15.90
CA LEU B 124 13.80 39.27 16.43
C LEU B 124 14.87 38.23 16.77
N LEU B 125 15.92 38.14 15.96
CA LEU B 125 16.94 37.12 16.16
C LEU B 125 18.00 37.52 17.16
N THR B 126 18.41 38.78 17.17
CA THR B 126 19.52 39.19 18.02
C THR B 126 19.09 39.91 19.29
N ARG B 127 17.88 40.45 19.35
CA ARG B 127 17.42 41.16 20.56
C ARG B 127 15.99 40.76 20.97
N PRO B 128 15.69 39.47 21.07
CA PRO B 128 14.34 39.08 21.45
C PRO B 128 14.05 39.47 22.90
N ARG B 129 12.77 39.69 23.17
CA ARG B 129 12.40 40.03 24.54
C ARG B 129 12.47 38.83 25.47
N LEU B 130 12.07 37.65 24.98
CA LEU B 130 12.02 36.43 25.77
C LEU B 130 11.30 36.63 27.12
N PRO B 131 10.02 37.06 27.11
CA PRO B 131 9.33 37.33 28.37
C PRO B 131 9.08 36.06 29.18
N GLU B 132 9.43 36.14 30.47
CA GLU B 132 9.22 35.09 31.44
C GLU B 132 7.87 34.38 31.32
N GLU B 133 6.77 35.12 31.45
CA GLU B 133 5.45 34.48 31.42
C GLU B 133 4.99 34.13 30.00
N GLY B 134 5.52 34.79 28.98
CA GLY B 134 5.18 34.42 27.61
C GLY B 134 5.61 33.01 27.24
N LEU B 135 6.60 32.47 27.97
CA LEU B 135 7.04 31.10 27.73
C LEU B 135 5.94 30.09 28.02
N GLU B 136 5.02 30.41 28.93
CA GLU B 136 4.01 29.41 29.28
C GLU B 136 3.02 29.21 28.13
N ALA B 137 2.68 30.28 27.42
CA ALA B 137 1.87 30.12 26.20
C ALA B 137 2.64 29.34 25.15
N VAL B 138 3.94 29.61 25.00
CA VAL B 138 4.74 28.86 24.04
C VAL B 138 4.74 27.38 24.40
N ARG B 139 4.91 27.08 25.69
CA ARG B 139 5.00 25.72 26.16
C ARG B 139 3.69 24.97 25.92
N SER B 140 2.57 25.65 26.17
CA SER B 140 1.27 25.03 25.95
C SER B 140 1.07 24.72 24.46
N VAL B 141 1.49 25.62 23.57
CA VAL B 141 1.34 25.35 22.15
C VAL B 141 2.25 24.20 21.72
N ALA B 142 3.51 24.21 22.17
CA ALA B 142 4.43 23.13 21.80
C ALA B 142 3.91 21.78 22.27
N LEU B 143 3.27 21.73 23.43
CA LEU B 143 2.73 20.46 23.94
C LEU B 143 1.55 19.98 23.10
N GLN B 144 0.72 20.90 22.59
CA GLN B 144 -0.35 20.48 21.70
C GLN B 144 0.21 20.01 20.35
N ALA B 145 1.29 20.64 19.90
CA ALA B 145 1.92 20.20 18.66
C ALA B 145 2.45 18.77 18.81
N LEU B 146 3.16 18.49 19.92
CA LEU B 146 3.68 17.15 20.15
C LEU B 146 2.58 16.12 20.28
N LEU B 147 1.45 16.51 20.86
CA LEU B 147 0.33 15.60 21.02
C LEU B 147 -0.28 15.22 19.68
N SER B 148 -0.33 16.16 18.73
CA SER B 148 -0.97 15.89 17.45
C SER B 148 -0.21 14.82 16.67
N LEU B 149 1.09 14.67 16.94
CA LEU B 149 1.86 13.61 16.28
C LEU B 149 1.28 12.24 16.57
N GLU B 150 0.70 12.05 17.76
CA GLU B 150 0.10 10.76 18.07
C GLU B 150 -1.11 10.46 17.21
N ASP B 151 -1.74 11.49 16.63
CA ASP B 151 -2.90 11.29 15.78
C ASP B 151 -2.53 11.16 14.30
N GLN B 152 -1.24 11.14 13.98
CA GLN B 152 -0.75 11.01 12.61
C GLN B 152 0.12 9.75 12.53
N PRO B 153 -0.46 8.59 12.24
CA PRO B 153 0.30 7.34 12.42
C PRO B 153 1.53 7.22 11.52
N ALA B 154 1.42 7.64 10.26
CA ALA B 154 2.58 7.55 9.38
C ALA B 154 3.76 8.36 9.92
N ARG B 155 3.51 9.63 10.22
CA ARG B 155 4.54 10.46 10.78
C ARG B 155 5.05 9.91 12.10
N LYS B 156 4.12 9.37 12.90
CA LYS B 156 4.50 8.82 14.19
C LYS B 156 5.40 7.59 14.03
N LEU B 157 5.07 6.69 13.12
CA LEU B 157 5.95 5.53 12.91
C LEU B 157 7.33 5.98 12.45
N LEU B 158 7.37 6.92 11.48
CA LEU B 158 8.65 7.35 10.96
C LEU B 158 9.48 8.11 11.99
N SER B 159 8.81 8.81 12.91
CA SER B 159 9.50 9.43 14.05
C SER B 159 10.15 8.38 14.94
N GLU B 160 9.39 7.35 15.32
CA GLU B 160 9.96 6.30 16.16
C GLU B 160 11.05 5.55 15.42
N LEU B 161 10.86 5.33 14.11
CA LEU B 161 11.86 4.62 13.31
C LEU B 161 13.20 5.31 13.38
N ARG B 162 13.23 6.62 13.15
CA ARG B 162 14.50 7.33 13.19
C ARG B 162 15.07 7.39 14.61
N ARG B 163 14.21 7.45 15.63
CA ARG B 163 14.72 7.35 17.00
C ARG B 163 15.41 6.02 17.24
N LYS B 164 14.94 4.95 16.60
CA LYS B 164 15.54 3.63 16.76
C LYS B 164 16.83 3.50 15.94
N VAL B 165 16.83 4.11 14.75
CA VAL B 165 17.98 4.03 13.85
C VAL B 165 19.22 4.63 14.48
N PHE B 166 19.07 5.74 15.20
CA PHE B 166 20.20 6.49 15.75
C PHE B 166 20.32 6.31 17.26
N ARG B 167 21.55 6.07 17.73
CA ARG B 167 21.86 6.23 19.15
C ARG B 167 22.15 7.69 19.49
N SER B 168 22.73 8.44 18.54
CA SER B 168 23.13 9.83 18.73
C SER B 168 21.90 10.75 18.79
N PRO B 169 22.06 12.06 19.05
CA PRO B 169 20.86 12.94 19.12
C PRO B 169 20.13 13.09 17.79
N HIS B 170 20.69 12.58 16.69
CA HIS B 170 20.05 12.66 15.39
C HIS B 170 18.76 11.85 15.34
N GLY B 171 18.55 10.95 16.29
CA GLY B 171 17.29 10.26 16.46
C GLY B 171 16.19 11.05 17.14
N ARG B 172 16.45 12.27 17.60
CA ARG B 172 15.46 12.98 18.40
C ARG B 172 14.30 13.51 17.54
N GLU B 173 13.13 13.53 18.13
CA GLU B 173 11.94 14.12 17.52
C GLU B 173 12.05 15.65 17.52
N PRO B 174 11.98 16.32 16.36
CA PRO B 174 12.06 17.79 16.34
C PRO B 174 10.98 18.50 17.14
N LEU B 175 9.84 17.87 17.38
CA LEU B 175 8.84 18.52 18.20
C LEU B 175 9.18 18.48 19.69
N GLY B 176 10.24 17.75 20.08
CA GLY B 176 10.63 17.64 21.47
C GLY B 176 10.07 16.43 22.15
N ARG B 177 10.23 16.40 23.48
CA ARG B 177 9.71 15.36 24.34
C ARG B 177 8.79 15.99 25.38
N GLU B 178 7.73 15.27 25.74
CA GLU B 178 6.72 15.84 26.64
C GLU B 178 7.36 16.33 27.95
N GLU B 179 8.33 15.58 28.48
CA GLU B 179 8.94 15.99 29.74
C GLU B 179 9.99 17.07 29.55
N GLY B 180 10.73 17.05 28.42
CA GLY B 180 11.59 18.19 28.13
C GLY B 180 10.81 19.49 28.04
N LEU B 181 9.73 19.49 27.24
CA LEU B 181 8.91 20.68 27.12
C LEU B 181 8.33 21.12 28.45
N LYS B 182 7.82 20.17 29.26
CA LYS B 182 7.24 20.53 30.55
C LYS B 182 8.29 21.06 31.51
N GLY B 183 9.52 20.56 31.44
CA GLY B 183 10.54 20.91 32.41
C GLY B 183 11.41 22.09 32.09
N ALA B 184 11.36 22.59 30.84
CA ALA B 184 12.18 23.74 30.47
C ALA B 184 11.86 24.94 31.35
N ARG B 185 12.90 25.53 31.95
CA ARG B 185 12.78 26.71 32.78
C ARG B 185 13.28 27.94 32.04
N ALA B 186 12.61 29.06 32.25
CA ALA B 186 12.89 30.27 31.48
C ALA B 186 14.37 30.66 31.52
N GLU B 187 15.00 30.60 32.69
CA GLU B 187 16.37 31.12 32.79
C GLU B 187 17.37 30.19 32.12
N ALA B 188 17.16 28.88 32.21
CA ALA B 188 18.01 27.97 31.46
C ALA B 188 17.82 28.13 29.95
N LEU B 189 16.57 28.33 29.51
CA LEU B 189 16.31 28.48 28.08
C LEU B 189 16.98 29.73 27.55
N LYS B 190 16.95 30.82 28.32
CA LYS B 190 17.65 32.04 27.92
C LYS B 190 19.14 31.79 27.70
N ALA B 191 19.79 31.13 28.66
CA ALA B 191 21.21 30.81 28.51
C ALA B 191 21.44 29.95 27.26
N ASP B 192 20.51 29.02 27.01
CA ASP B 192 20.55 28.20 25.80
C ASP B 192 20.49 29.07 24.54
N TYR B 193 19.49 29.96 24.46
CA TYR B 193 19.41 30.90 23.35
C TYR B 193 20.72 31.63 23.13
N ARG B 194 21.31 32.15 24.22
CA ARG B 194 22.55 32.91 24.11
C ARG B 194 23.69 32.07 23.55
N ARG B 195 23.68 30.81 23.85
CA ARG B 195 24.70 29.97 23.29
C ARG B 195 24.44 29.55 21.84
N ARG B 196 23.25 29.11 21.48
CA ARG B 196 23.01 28.45 20.21
C ARG B 196 22.55 29.34 19.07
N TYR B 197 21.94 30.50 19.36
CA TYR B 197 21.51 31.43 18.29
C TYR B 197 22.73 32.25 17.90
N THR B 198 23.62 31.62 17.13
CA THR B 198 24.88 32.22 16.75
C THR B 198 24.90 32.42 15.25
N PRO B 199 25.62 33.44 14.76
CA PRO B 199 25.84 33.56 13.31
C PRO B 199 26.86 32.57 12.76
N LYS B 200 27.67 31.95 13.60
CA LYS B 200 28.70 31.03 13.11
C LYS B 200 28.04 29.68 12.89
N GLY B 201 27.73 29.39 11.62
CA GLY B 201 26.87 28.28 11.26
C GLY B 201 25.52 28.69 10.73
N ALA B 202 25.18 29.98 10.76
CA ALA B 202 23.91 30.44 10.23
C ALA B 202 24.01 30.74 8.74
N ILE B 203 22.90 30.56 8.04
CA ILE B 203 22.85 30.73 6.60
C ILE B 203 21.62 31.56 6.23
N LEU B 204 21.82 32.58 5.41
CA LEU B 204 20.73 33.39 4.89
C LEU B 204 20.79 33.33 3.37
N ALA B 205 19.78 32.75 2.75
CA ALA B 205 19.71 32.59 1.31
C ALA B 205 18.51 33.38 0.78
N VAL B 206 18.75 34.17 -0.27
CA VAL B 206 17.80 35.13 -0.81
C VAL B 206 17.68 34.92 -2.30
N ALA B 207 16.45 34.96 -2.80
CA ALA B 207 16.22 34.92 -4.24
C ALA B 207 15.19 35.97 -4.62
N GLY B 208 15.44 36.67 -5.72
CA GLY B 208 14.39 37.51 -6.26
C GLY B 208 14.93 38.83 -6.74
N GLY B 209 14.02 39.82 -6.81
CA GLY B 209 14.30 41.07 -7.45
C GLY B 209 14.97 42.07 -6.54
N VAL B 210 16.19 41.74 -6.14
CA VAL B 210 17.02 42.63 -5.36
C VAL B 210 18.45 42.41 -5.81
N SER B 211 19.24 43.48 -5.75
CA SER B 211 20.62 43.43 -6.16
C SER B 211 21.52 43.17 -4.95
N TRP B 212 22.75 42.74 -5.23
CA TRP B 212 23.70 42.51 -4.15
C TRP B 212 23.93 43.78 -3.34
N GLU B 213 24.09 44.91 -4.01
CA GLU B 213 24.33 46.18 -3.33
C GLU B 213 23.24 46.47 -2.33
N ARG B 214 21.99 46.35 -2.77
CA ARG B 214 20.90 46.75 -1.89
C ARG B 214 20.66 45.72 -0.80
N LEU B 215 20.87 44.44 -1.09
CA LEU B 215 20.77 43.42 -0.04
C LEU B 215 21.82 43.66 1.03
N ARG B 216 23.04 43.98 0.60
CA ARG B 216 24.17 44.23 1.49
C ARG B 216 23.88 45.38 2.45
N ALA B 217 23.32 46.45 1.94
CA ALA B 217 22.92 47.54 2.81
C ALA B 217 21.80 47.13 3.77
N ALA B 218 20.85 46.32 3.28
CA ALA B 218 19.76 45.87 4.14
C ALA B 218 20.25 44.99 5.29
N LEU B 219 21.34 44.26 5.10
CA LEU B 219 21.83 43.34 6.12
C LEU B 219 22.63 44.03 7.22
N GLU B 220 22.84 45.33 7.11
CA GLU B 220 23.61 46.06 8.12
C GLU B 220 23.18 45.74 9.55
N PRO B 221 21.89 45.69 9.90
CA PRO B 221 21.52 45.34 11.27
C PRO B 221 21.97 43.95 11.70
N PHE B 222 22.37 43.06 10.78
CA PHE B 222 22.83 41.73 11.16
C PHE B 222 24.30 41.70 11.56
N LEU B 223 25.06 42.76 11.26
CA LEU B 223 26.49 42.74 11.48
C LEU B 223 26.84 42.71 12.96
N ALA B 224 25.90 43.11 13.82
CA ALA B 224 26.16 43.17 15.26
C ALA B 224 25.96 41.84 15.95
N TRP B 225 25.10 40.98 15.39
CA TRP B 225 24.94 39.61 15.85
C TRP B 225 26.30 38.93 16.00
N GLU B 226 26.55 38.31 17.16
CA GLU B 226 27.81 37.64 17.39
C GLU B 226 27.57 36.34 18.14
N GLY B 227 28.53 35.42 18.05
CA GLY B 227 28.39 34.14 18.75
C GLY B 227 29.56 33.23 18.46
N GLU B 228 29.59 32.11 19.19
CA GLU B 228 30.57 31.05 19.01
C GLU B 228 30.05 30.01 18.01
N GLU B 229 30.97 29.27 17.39
CA GLU B 229 30.59 28.23 16.45
C GLU B 229 29.56 27.26 17.05
N ALA B 230 28.59 26.87 16.22
CA ALA B 230 27.58 25.92 16.66
C ALA B 230 28.20 24.54 16.84
N LEU B 231 27.72 23.80 17.83
CA LEU B 231 28.17 22.45 18.08
C LEU B 231 27.20 21.44 17.48
N TYR B 232 27.75 20.39 16.89
CA TYR B 232 27.00 19.33 16.22
CA TYR B 232 26.96 19.33 16.28
C TYR B 232 27.59 17.99 16.63
N PRO B 233 26.84 17.09 17.25
CA PRO B 233 27.41 15.78 17.62
C PRO B 233 27.58 14.90 16.40
N ALA B 234 28.55 13.99 16.48
CA ALA B 234 28.76 13.04 15.39
C ALA B 234 27.63 12.01 15.37
N PRO B 235 27.11 11.67 14.19
CA PRO B 235 26.06 10.65 14.12
C PRO B 235 26.58 9.27 14.48
N GLU B 236 25.68 8.47 15.05
CA GLU B 236 26.02 7.10 15.45
C GLU B 236 24.79 6.23 15.29
N LEU B 237 24.87 5.22 14.43
CA LEU B 237 23.75 4.32 14.21
C LEU B 237 23.68 3.27 15.31
N SER B 238 22.49 2.71 15.49
CA SER B 238 22.33 1.55 16.36
C SER B 238 22.55 0.29 15.53
N GLU B 239 22.17 -0.87 16.04
CA GLU B 239 22.21 -1.99 15.12
C GLU B 239 20.83 -2.28 14.58
N PRO B 240 20.73 -2.62 13.30
CA PRO B 240 19.42 -2.88 12.69
C PRO B 240 18.59 -3.85 13.50
N HIS B 241 17.30 -3.54 13.64
CA HIS B 241 16.39 -4.42 14.36
C HIS B 241 14.97 -4.05 13.97
N ARG B 242 14.03 -4.85 14.46
CA ARG B 242 12.62 -4.70 14.17
C ARG B 242 11.88 -4.27 15.43
N PHE B 243 10.86 -3.42 15.26
CA PHE B 243 10.06 -3.03 16.42
C PHE B 243 8.61 -2.85 16.00
N VAL B 244 7.73 -2.96 16.99
CA VAL B 244 6.29 -2.88 16.77
C VAL B 244 5.73 -1.85 17.76
N LEU B 245 4.88 -0.97 17.27
CA LEU B 245 4.06 -0.11 18.13
C LEU B 245 2.63 -0.58 17.93
N ARG B 246 2.11 -1.34 18.89
CA ARG B 246 0.72 -1.81 18.78
C ARG B 246 -0.23 -0.67 19.10
N ARG B 247 -1.07 -0.32 18.13
CA ARG B 247 -2.06 0.76 18.18
C ARG B 247 -3.30 0.31 17.44
N PRO B 248 -4.47 0.82 17.80
CA PRO B 248 -5.71 0.42 17.14
C PRO B 248 -6.03 1.24 15.88
N THR B 249 -5.05 1.33 14.96
CA THR B 249 -5.25 2.07 13.73
C THR B 249 -6.00 1.22 12.70
N ALA B 250 -6.63 1.90 11.74
CA ALA B 250 -7.31 1.20 10.65
C ALA B 250 -6.33 0.49 9.72
N GLN B 251 -5.14 1.07 9.52
CA GLN B 251 -4.13 0.49 8.65
C GLN B 251 -2.84 0.31 9.42
N VAL B 252 -2.10 -0.74 9.05
CA VAL B 252 -0.75 -0.94 9.57
C VAL B 252 0.21 -0.03 8.81
N GLN B 253 1.02 0.70 9.56
CA GLN B 253 2.08 1.52 9.00
C GLN B 253 3.35 0.69 8.95
N ILE B 254 4.01 0.66 7.80
CA ILE B 254 5.23 -0.10 7.60
C ILE B 254 6.35 0.86 7.22
N GLY B 255 7.47 0.77 7.92
CA GLY B 255 8.61 1.63 7.63
C GLY B 255 9.90 0.86 7.64
N LEU B 256 10.75 1.12 6.64
CA LEU B 256 12.10 0.58 6.57
C LEU B 256 13.08 1.73 6.55
N ALA B 257 14.26 1.50 7.13
CA ALA B 257 15.36 2.46 7.04
C ALA B 257 16.64 1.71 6.70
N TYR B 258 17.36 2.19 5.69
CA TYR B 258 18.67 1.74 5.26
C TYR B 258 19.64 2.91 5.38
N PRO B 259 20.91 2.66 5.72
CA PRO B 259 21.91 3.69 5.50
C PRO B 259 22.03 3.96 4.01
N ASP B 260 22.40 5.19 3.68
CA ASP B 260 22.50 5.58 2.29
C ASP B 260 23.49 6.71 2.21
N VAL B 261 23.98 6.96 1.00
CA VAL B 261 24.76 8.17 0.78
C VAL B 261 23.82 9.35 0.85
N GLY B 262 24.34 10.48 1.31
CA GLY B 262 23.58 11.72 1.25
C GLY B 262 24.19 12.61 0.19
N PRO B 263 23.87 13.91 0.23
CA PRO B 263 24.45 14.85 -0.74
C PRO B 263 25.98 14.86 -0.75
N GLU B 264 26.62 14.72 0.42
CA GLU B 264 28.08 14.84 0.49
C GLU B 264 28.77 13.52 0.12
N ASP B 265 28.50 13.07 -1.09
CA ASP B 265 29.05 11.83 -1.51
C ASP B 265 29.26 11.96 -3.01
N PRO B 266 30.40 11.52 -3.53
CA PRO B 266 30.61 11.62 -4.98
C PRO B 266 29.65 10.76 -5.80
N GLY B 267 29.03 9.75 -5.19
CA GLY B 267 28.06 8.93 -5.92
C GLY B 267 26.62 9.46 -5.83
N PHE B 268 26.46 10.71 -5.40
CA PHE B 268 25.11 11.25 -5.14
C PHE B 268 24.20 11.16 -6.36
N TYR B 269 24.66 11.65 -7.52
CA TYR B 269 23.76 11.69 -8.68
C TYR B 269 23.38 10.29 -9.11
N ALA B 270 24.32 9.35 -9.05
CA ALA B 270 24.00 7.96 -9.31
C ALA B 270 22.95 7.43 -8.33
N ALA B 271 23.13 7.71 -7.04
CA ALA B 271 22.12 7.27 -6.08
C ALA B 271 20.78 7.97 -6.34
N ARG B 272 20.81 9.25 -6.72
CA ARG B 272 19.60 10.01 -6.97
C ARG B 272 18.85 9.44 -8.17
N LEU B 273 19.58 9.06 -9.21
CA LEU B 273 18.96 8.44 -10.38
C LEU B 273 18.32 7.11 -10.05
N ALA B 274 19.00 6.30 -9.22
CA ALA B 274 18.43 5.02 -8.79
C ALA B 274 17.18 5.22 -7.94
N LEU B 275 17.20 6.19 -7.04
CA LEU B 275 16.02 6.47 -6.23
C LEU B 275 14.82 6.81 -7.10
N GLU B 276 15.05 7.56 -8.19
CA GLU B 276 13.95 7.91 -9.09
C GLU B 276 13.38 6.68 -9.77
N VAL B 277 14.25 5.77 -10.22
CA VAL B 277 13.83 4.45 -10.71
C VAL B 277 13.03 3.70 -9.64
N LEU B 278 13.47 3.75 -8.38
CA LEU B 278 12.80 2.98 -7.34
C LEU B 278 11.44 3.56 -6.97
N SER B 279 11.31 4.89 -6.97
CA SER B 279 10.15 5.51 -6.34
C SER B 279 9.71 6.83 -6.95
N GLY B 280 10.22 7.24 -8.11
CA GLY B 280 9.97 8.60 -8.55
C GLY B 280 8.70 8.87 -9.33
N GLY B 281 8.02 7.83 -9.82
CA GLY B 281 6.86 8.06 -10.66
C GLY B 281 6.03 6.80 -10.81
N MET B 282 4.99 6.91 -11.64
CA MET B 282 4.03 5.80 -11.76
C MET B 282 4.62 4.57 -12.45
N SER B 283 5.70 4.69 -13.22
CA SER B 283 6.34 3.49 -13.72
C SER B 283 7.50 3.02 -12.84
N SER B 284 7.70 3.63 -11.66
CA SER B 284 8.80 3.23 -10.80
C SER B 284 8.59 1.82 -10.24
N ARG B 285 9.69 1.25 -9.70
CA ARG B 285 9.64 -0.12 -9.16
C ARG B 285 8.58 -0.27 -8.07
N LEU B 286 8.56 0.64 -7.08
CA LEU B 286 7.65 0.48 -5.95
C LEU B 286 6.20 0.71 -6.37
N PHE B 287 5.95 1.73 -7.19
CA PHE B 287 4.58 1.91 -7.65
C PHE B 287 4.11 0.70 -8.45
N THR B 288 4.94 0.21 -9.36
CA THR B 288 4.57 -0.94 -10.20
C THR B 288 4.23 -2.16 -9.34
N GLU B 289 5.16 -2.56 -8.46
CA GLU B 289 5.02 -3.85 -7.77
C GLU B 289 4.02 -3.78 -6.62
N VAL B 290 4.02 -2.70 -5.85
CA VAL B 290 3.19 -2.65 -4.65
C VAL B 290 1.76 -2.27 -5.01
N ARG B 291 1.58 -1.27 -5.86
CA ARG B 291 0.28 -0.63 -6.05
C ARG B 291 -0.37 -1.02 -7.37
N GLU B 292 0.30 -0.78 -8.49
CA GLU B 292 -0.29 -1.06 -9.79
C GLU B 292 -0.59 -2.54 -9.95
N LYS B 293 0.41 -3.40 -9.69
CA LYS B 293 0.21 -4.83 -9.91
C LYS B 293 -0.73 -5.41 -8.86
N ARG B 294 -0.35 -5.30 -7.59
CA ARG B 294 -0.98 -6.08 -6.53
C ARG B 294 -2.08 -5.33 -5.77
N GLY B 295 -2.27 -4.05 -6.04
CA GLY B 295 -3.29 -3.28 -5.32
C GLY B 295 -3.18 -3.37 -3.82
N LEU B 296 -1.96 -3.37 -3.28
CA LEU B 296 -1.78 -3.57 -1.85
C LEU B 296 -2.00 -2.32 -1.02
N VAL B 297 -1.83 -1.13 -1.62
CA VAL B 297 -1.75 0.11 -0.86
C VAL B 297 -2.36 1.23 -1.69
N TYR B 298 -2.69 2.31 -1.01
CA TYR B 298 -2.85 3.59 -1.70
C TYR B 298 -1.54 4.38 -1.68
N ALA B 299 -0.80 4.29 -0.58
CA ALA B 299 0.38 5.12 -0.35
C ALA B 299 1.62 4.24 -0.23
N VAL B 300 2.63 4.51 -1.04
CA VAL B 300 3.93 3.83 -0.93
C VAL B 300 4.99 4.75 -1.48
N SER B 301 6.11 4.87 -0.77
CA SER B 301 7.16 5.77 -1.20
C SER B 301 8.48 5.38 -0.56
N ALA B 302 9.55 5.86 -1.18
CA ALA B 302 10.89 5.82 -0.61
C ALA B 302 11.50 7.20 -0.81
N PHE B 303 12.26 7.66 0.17
CA PHE B 303 12.71 9.05 0.18
C PHE B 303 13.90 9.17 1.12
N PRO B 304 14.75 10.18 0.94
CA PRO B 304 15.86 10.40 1.89
C PRO B 304 15.35 10.93 3.22
N ALA B 305 15.99 10.49 4.30
CA ALA B 305 15.56 10.94 5.63
C ALA B 305 16.74 11.10 6.58
N GLY B 306 17.95 11.26 6.07
CA GLY B 306 19.14 11.29 6.87
C GLY B 306 19.53 12.69 7.31
N VAL B 307 20.78 12.80 7.76
CA VAL B 307 21.32 13.99 8.37
C VAL B 307 22.67 14.27 7.73
N LYS B 308 23.20 15.45 7.98
CA LYS B 308 24.58 15.71 7.62
C LYS B 308 25.50 14.71 8.33
N GLY B 309 26.32 13.99 7.56
CA GLY B 309 27.18 12.95 8.10
C GLY B 309 26.60 11.53 8.08
N GLN B 310 25.27 11.37 7.93
CA GLN B 310 24.69 10.02 7.80
C GLN B 310 23.44 10.07 6.92
N GLY B 311 23.58 9.67 5.66
CA GLY B 311 22.42 9.51 4.81
C GLY B 311 21.55 8.37 5.26
N LEU B 312 20.28 8.43 4.86
CA LEU B 312 19.33 7.40 5.26
C LEU B 312 18.26 7.28 4.20
N LEU B 313 17.94 6.07 3.80
CA LEU B 313 16.84 5.82 2.88
C LEU B 313 15.69 5.24 3.67
N MET B 314 14.53 5.88 3.59
CA MET B 314 13.34 5.35 4.23
C MET B 314 12.32 4.92 3.19
N ALA B 315 11.65 3.83 3.46
CA ALA B 315 10.53 3.39 2.63
C ALA B 315 9.31 3.26 3.53
N TYR B 316 8.15 3.62 2.99
CA TYR B 316 6.90 3.60 3.73
C TYR B 316 5.80 2.96 2.88
N ALA B 317 4.92 2.19 3.53
CA ALA B 317 3.65 1.80 2.93
C ALA B 317 2.59 1.72 4.03
N GLY B 318 1.35 2.03 3.67
CA GLY B 318 0.21 1.85 4.56
C GLY B 318 -0.80 0.85 4.02
N THR B 319 -1.16 -0.17 4.79
CA THR B 319 -2.08 -1.19 4.28
C THR B 319 -2.80 -1.85 5.46
N THR B 320 -3.76 -2.72 5.15
CA THR B 320 -4.46 -3.46 6.19
C THR B 320 -3.60 -4.57 6.80
N LYS B 321 -3.98 -4.99 8.03
CA LYS B 321 -3.26 -6.07 8.69
C LYS B 321 -3.20 -7.32 7.82
N GLU B 322 -4.28 -7.60 7.08
CA GLU B 322 -4.37 -8.78 6.23
C GLU B 322 -3.26 -8.79 5.17
N ARG B 323 -2.95 -7.63 4.59
CA ARG B 323 -1.98 -7.53 3.50
C ARG B 323 -0.63 -6.99 3.97
N ALA B 324 -0.42 -6.81 5.27
CA ALA B 324 0.82 -6.23 5.76
C ALA B 324 2.03 -7.13 5.49
N GLY B 325 1.91 -8.43 5.74
CA GLY B 325 3.05 -9.32 5.53
C GLY B 325 3.52 -9.32 4.09
N GLU B 326 2.57 -9.39 3.16
CA GLU B 326 2.91 -9.37 1.74
C GLU B 326 3.44 -8.00 1.32
N THR B 327 2.85 -6.93 1.84
CA THR B 327 3.34 -5.60 1.52
C THR B 327 4.77 -5.41 1.99
N LEU B 328 5.10 -5.88 3.19
CA LEU B 328 6.44 -5.71 3.70
C LEU B 328 7.45 -6.50 2.87
N GLU B 329 7.04 -7.66 2.35
CA GLU B 329 7.94 -8.47 1.54
C GLU B 329 8.22 -7.81 0.20
N VAL B 330 7.18 -7.29 -0.46
CA VAL B 330 7.38 -6.65 -1.76
C VAL B 330 8.21 -5.38 -1.58
N LEU B 331 7.88 -4.59 -0.56
CA LEU B 331 8.61 -3.34 -0.30
C LEU B 331 10.09 -3.63 -0.03
N ARG B 332 10.37 -4.62 0.80
CA ARG B 332 11.76 -4.92 1.10
C ARG B 332 12.46 -5.52 -0.12
N ALA B 333 11.79 -6.42 -0.85
CA ALA B 333 12.45 -7.05 -1.99
C ALA B 333 12.81 -6.03 -3.06
N GLU B 334 11.93 -5.05 -3.30
CA GLU B 334 12.19 -4.08 -4.36
C GLU B 334 13.36 -3.17 -4.01
N VAL B 335 13.46 -2.74 -2.74
CA VAL B 335 14.61 -1.93 -2.34
C VAL B 335 15.91 -2.71 -2.49
N GLU B 336 15.92 -3.96 -2.08
CA GLU B 336 17.16 -4.70 -2.06
C GLU B 336 17.53 -5.25 -3.45
N ARG B 337 16.58 -5.33 -4.36
CA ARG B 337 16.81 -5.74 -5.74
C ARG B 337 17.60 -4.69 -6.57
N LEU B 338 17.59 -3.46 -6.09
CA LEU B 338 18.30 -2.37 -6.77
C LEU B 338 19.76 -2.71 -7.04
N ALA B 339 20.38 -3.52 -6.18
CA ALA B 339 21.77 -3.87 -6.35
C ALA B 339 22.03 -4.54 -7.70
N GLU B 340 21.00 -5.16 -8.30
CA GLU B 340 21.16 -5.78 -9.61
C GLU B 340 21.17 -4.77 -10.75
N GLY B 341 20.85 -3.51 -10.49
CA GLY B 341 21.01 -2.46 -11.48
C GLY B 341 19.68 -1.99 -12.06
N VAL B 342 19.79 -1.09 -13.03
CA VAL B 342 18.63 -0.60 -13.75
C VAL B 342 18.88 -0.80 -15.24
N THR B 343 17.81 -0.83 -16.01
CA THR B 343 17.96 -0.95 -17.46
C THR B 343 18.16 0.42 -18.11
N GLU B 344 18.60 0.39 -19.36
CA GLU B 344 18.78 1.59 -20.17
C GLU B 344 17.51 2.42 -20.25
N GLU B 345 16.38 1.75 -20.50
CA GLU B 345 15.12 2.49 -20.62
C GLU B 345 14.70 3.10 -19.29
N GLU B 346 14.88 2.35 -18.19
CA GLU B 346 14.56 2.90 -16.88
C GLU B 346 15.37 4.16 -16.61
N LEU B 347 16.66 4.14 -16.95
CA LEU B 347 17.51 5.29 -16.68
C LEU B 347 17.13 6.50 -17.55
N SER B 348 16.79 6.26 -18.82
CA SER B 348 16.34 7.36 -19.68
C SER B 348 15.11 8.04 -19.10
N ARG B 349 14.13 7.26 -18.64
CA ARG B 349 12.93 7.86 -18.05
C ARG B 349 13.25 8.61 -16.77
N ALA B 350 14.13 8.07 -15.94
CA ALA B 350 14.50 8.78 -14.70
C ALA B 350 15.19 10.11 -15.00
N LYS B 351 16.03 10.15 -16.04
CA LYS B 351 16.73 11.40 -16.38
C LYS B 351 15.76 12.49 -16.83
N VAL B 352 14.76 12.13 -17.65
CA VAL B 352 13.84 13.16 -18.14
C VAL B 352 12.90 13.61 -17.04
N GLY B 353 12.43 12.68 -16.20
CA GLY B 353 11.61 13.07 -15.06
C GLY B 353 12.32 14.03 -14.13
N LEU B 354 13.58 13.71 -13.77
CA LEU B 354 14.35 14.56 -12.85
C LEU B 354 14.65 15.91 -13.48
N LYS B 355 14.89 15.95 -14.79
CA LYS B 355 15.11 17.25 -15.43
C LYS B 355 13.86 18.12 -15.34
N THR B 356 12.68 17.54 -15.61
CA THR B 356 11.44 18.31 -15.50
C THR B 356 11.21 18.80 -14.07
N ALA B 357 11.38 17.91 -13.10
CA ALA B 357 11.19 18.29 -11.70
C ALA B 357 12.15 19.40 -11.29
N LEU B 358 13.40 19.35 -11.76
CA LEU B 358 14.35 20.41 -11.41
C LEU B 358 13.90 21.76 -11.96
N VAL B 359 13.49 21.79 -13.22
CA VAL B 359 13.06 23.03 -13.86
C VAL B 359 11.83 23.60 -13.14
N MET B 360 10.87 22.75 -12.81
CA MET B 360 9.69 23.22 -12.08
C MET B 360 10.07 23.74 -10.71
N ALA B 361 10.99 23.05 -10.02
CA ALA B 361 11.36 23.45 -8.66
C ALA B 361 12.20 24.73 -8.65
N ASP B 362 12.74 25.14 -9.80
CA ASP B 362 13.50 26.38 -9.90
C ASP B 362 12.61 27.59 -10.20
N GLU B 363 11.34 27.38 -10.52
CA GLU B 363 10.52 28.51 -10.95
C GLU B 363 10.23 29.47 -9.80
N SER B 364 9.89 28.96 -8.62
CA SER B 364 9.52 29.80 -7.50
C SER B 364 10.73 30.28 -6.70
N ILE B 365 10.74 31.58 -6.37
CA ILE B 365 11.85 32.11 -5.57
C ILE B 365 11.83 31.59 -4.14
N ARG B 366 10.68 31.14 -3.61
CA ARG B 366 10.68 30.57 -2.26
C ARG B 366 11.35 29.20 -2.23
N SER B 367 11.07 28.37 -3.23
CA SER B 367 11.67 27.05 -3.24
C SER B 367 13.16 27.14 -3.56
N ARG B 368 13.57 28.16 -4.32
CA ARG B 368 14.97 28.31 -4.65
C ARG B 368 15.79 28.76 -3.45
N ALA B 369 15.26 29.71 -2.65
CA ALA B 369 15.93 30.13 -1.42
C ALA B 369 16.12 28.95 -0.49
N ALA B 370 15.10 28.09 -0.39
CA ALA B 370 15.19 26.91 0.45
C ALA B 370 16.26 25.94 -0.08
N SER B 371 16.31 25.74 -1.40
CA SER B 371 17.33 24.87 -1.99
C SER B 371 18.73 25.43 -1.79
N MET B 372 18.90 26.74 -2.02
CA MET B 372 20.19 27.38 -1.79
C MET B 372 20.65 27.14 -0.36
N ALA B 373 19.75 27.40 0.60
CA ALA B 373 20.14 27.21 2.01
C ALA B 373 20.51 25.77 2.30
N ARG B 374 19.78 24.80 1.72
CA ARG B 374 20.11 23.40 1.95
C ARG B 374 21.48 23.07 1.41
N ASP B 375 21.78 23.51 0.18
CA ASP B 375 23.10 23.29 -0.41
C ASP B 375 24.19 23.88 0.46
N LEU B 376 23.98 25.12 0.95
CA LEU B 376 24.97 25.76 1.80
C LEU B 376 25.18 24.99 3.09
N TYR B 377 24.09 24.50 3.70
CA TYR B 377 24.27 23.71 4.92
C TYR B 377 25.02 22.41 4.64
N MET B 378 24.66 21.70 3.57
CA MET B 378 25.19 20.35 3.33
C MET B 378 26.56 20.38 2.65
N LEU B 379 26.78 21.33 1.74
CA LEU B 379 27.96 21.35 0.90
C LEU B 379 28.85 22.57 1.08
N GLY B 380 28.36 23.62 1.73
CA GLY B 380 29.14 24.84 1.80
C GLY B 380 29.23 25.62 0.51
N ARG B 381 28.32 25.36 -0.43
CA ARG B 381 28.33 25.99 -1.74
C ARG B 381 26.93 25.87 -2.33
N VAL B 382 26.66 26.69 -3.32
CA VAL B 382 25.38 26.66 -4.02
C VAL B 382 25.59 26.02 -5.38
N ARG B 383 24.96 24.87 -5.61
CA ARG B 383 25.00 24.24 -6.92
C ARG B 383 24.09 24.99 -7.89
N SER B 384 24.58 25.17 -9.11
CA SER B 384 23.75 25.82 -10.12
C SER B 384 22.80 24.81 -10.76
N LEU B 385 21.66 25.31 -11.25
CA LEU B 385 20.71 24.44 -11.93
C LEU B 385 21.38 23.76 -13.12
N SER B 386 22.11 24.53 -13.91
CA SER B 386 22.78 23.98 -15.10
C SER B 386 23.79 22.90 -14.70
N GLU B 387 24.47 23.09 -13.57
CA GLU B 387 25.41 22.09 -13.10
C GLU B 387 24.68 20.80 -12.71
N ILE B 388 23.52 20.92 -12.07
CA ILE B 388 22.77 19.73 -11.67
C ILE B 388 22.25 18.99 -12.89
N GLU B 389 21.65 19.73 -13.83
CA GLU B 389 21.09 19.12 -15.02
C GLU B 389 22.15 18.38 -15.83
N ALA B 390 23.31 19.02 -16.05
CA ALA B 390 24.35 18.36 -16.84
C ALA B 390 24.90 17.15 -16.12
N ALA B 391 25.04 17.22 -14.79
CA ALA B 391 25.57 16.08 -14.06
C ALA B 391 24.62 14.88 -14.16
N ILE B 392 23.32 15.12 -13.99
CA ILE B 392 22.33 14.06 -14.08
C ILE B 392 22.27 13.49 -15.50
N GLU B 393 22.18 14.37 -16.49
CA GLU B 393 22.08 13.88 -17.86
C GLU B 393 23.33 13.09 -18.24
N GLY B 394 24.49 13.54 -17.77
CA GLY B 394 25.73 12.89 -18.11
C GLY B 394 26.21 11.94 -17.03
N THR B 395 25.28 11.14 -16.51
CA THR B 395 25.60 10.01 -15.64
C THR B 395 25.26 8.75 -16.40
N SER B 396 26.22 7.86 -16.58
CA SER B 396 26.01 6.73 -17.47
C SER B 396 25.33 5.56 -16.76
N LEU B 397 24.74 4.67 -17.56
CA LEU B 397 24.18 3.44 -17.03
C LEU B 397 25.24 2.60 -16.29
N GLU B 398 26.46 2.52 -16.83
CA GLU B 398 27.46 1.74 -16.12
C GLU B 398 27.84 2.36 -14.80
N ALA B 399 27.86 3.70 -14.73
CA ALA B 399 28.12 4.39 -13.48
C ALA B 399 27.05 4.05 -12.44
N VAL B 400 25.77 4.10 -12.83
CA VAL B 400 24.69 3.79 -11.90
C VAL B 400 24.74 2.31 -11.51
N ASN B 401 24.96 1.43 -12.48
CA ASN B 401 25.04 0.00 -12.17
C ASN B 401 26.21 -0.31 -11.24
N ALA B 402 27.38 0.29 -11.49
CA ALA B 402 28.53 -0.02 -10.64
C ALA B 402 28.35 0.57 -9.24
N PHE B 403 27.72 1.74 -9.12
CA PHE B 403 27.42 2.27 -7.79
C PHE B 403 26.48 1.33 -7.03
N LEU B 404 25.42 0.88 -7.70
CA LEU B 404 24.40 0.07 -7.01
C LEU B 404 24.97 -1.29 -6.59
N ARG B 405 25.85 -1.87 -7.42
CA ARG B 405 26.49 -3.13 -7.05
C ARG B 405 27.40 -2.97 -5.84
N ALA B 406 28.17 -1.88 -5.80
CA ALA B 406 29.07 -1.64 -4.69
C ALA B 406 28.36 -1.19 -3.41
N HIS B 407 27.14 -0.67 -3.50
CA HIS B 407 26.43 -0.12 -2.34
C HIS B 407 25.02 -0.72 -2.27
N PRO B 408 24.90 -2.01 -1.92
CA PRO B 408 23.57 -2.61 -1.80
C PRO B 408 22.85 -2.20 -0.53
N TYR B 409 21.52 -2.10 -0.63
CA TYR B 409 20.67 -1.80 0.52
C TYR B 409 20.36 -3.12 1.23
N ARG B 410 20.85 -3.26 2.45
CA ARG B 410 20.73 -4.52 3.18
C ARG B 410 20.47 -4.23 4.64
N ASP B 411 19.88 -5.22 5.32
CA ASP B 411 19.76 -5.21 6.78
C ASP B 411 19.07 -3.94 7.30
N PRO B 412 17.83 -3.71 6.92
CA PRO B 412 17.17 -2.46 7.33
C PRO B 412 16.65 -2.55 8.75
N TRP B 413 16.46 -1.39 9.35
CA TRP B 413 15.57 -1.27 10.49
C TRP B 413 14.12 -1.36 9.99
N VAL B 414 13.30 -2.10 10.71
CA VAL B 414 11.93 -2.39 10.32
C VAL B 414 11.00 -1.95 11.45
N GLY B 415 10.07 -1.06 11.12
CA GLY B 415 9.10 -0.58 12.09
C GLY B 415 7.68 -0.82 11.63
N LEU B 416 6.85 -1.31 12.54
CA LEU B 416 5.43 -1.52 12.30
C LEU B 416 4.62 -0.78 13.36
N LEU B 417 3.53 -0.15 12.91
CA LEU B 417 2.58 0.52 13.78
C LEU B 417 1.19 0.08 13.36
N GLY B 418 0.44 -0.48 14.29
CA GLY B 418 -0.90 -0.92 13.98
C GLY B 418 -1.27 -2.11 14.84
N GLU B 419 -2.32 -2.82 14.41
CA GLU B 419 -2.81 -3.95 15.17
C GLU B 419 -2.03 -5.18 14.72
N VAL B 420 -0.87 -5.30 15.33
CA VAL B 420 0.14 -6.29 15.01
C VAL B 420 0.56 -6.96 16.30
N GLU B 421 0.50 -8.28 16.36
CA GLU B 421 1.13 -8.99 17.45
C GLU B 421 2.55 -9.35 17.02
N HIS C 20 0.57 39.30 -18.38
CA HIS C 20 -0.14 38.02 -18.30
C HIS C 20 -1.60 38.17 -18.69
N MET C 21 -1.95 37.85 -19.93
CA MET C 21 -3.34 37.88 -20.35
C MET C 21 -3.77 36.50 -20.83
N SER C 22 -4.93 36.06 -20.36
CA SER C 22 -5.47 34.74 -20.66
C SER C 22 -6.38 34.81 -21.88
N ARG C 23 -6.33 33.77 -22.70
CA ARG C 23 -7.24 33.61 -23.83
C ARG C 23 -8.06 32.34 -23.66
N VAL C 24 -9.38 32.45 -23.82
CA VAL C 24 -10.29 31.37 -23.53
C VAL C 24 -11.13 31.06 -24.76
N GLU C 25 -11.15 29.80 -25.16
CA GLU C 25 -11.88 29.29 -26.30
C GLU C 25 -12.67 28.06 -25.87
N ARG C 26 -13.86 27.89 -26.44
CA ARG C 26 -14.62 26.65 -26.31
C ARG C 26 -14.54 25.90 -27.63
N LEU C 27 -14.06 24.65 -27.58
CA LEU C 27 -13.93 23.87 -28.79
C LEU C 27 -15.31 23.46 -29.30
N PRO C 28 -15.40 23.03 -30.57
CA PRO C 28 -16.73 22.65 -31.09
C PRO C 28 -17.43 21.60 -30.25
N ASN C 29 -16.68 20.73 -29.57
CA ASN C 29 -17.30 19.67 -28.77
C ASN C 29 -17.71 20.12 -27.37
N GLY C 30 -17.43 21.37 -26.99
CA GLY C 30 -17.82 21.91 -25.70
C GLY C 30 -16.71 22.06 -24.68
N LEU C 31 -15.55 21.42 -24.88
CA LEU C 31 -14.43 21.55 -23.94
C LEU C 31 -13.95 22.99 -23.92
N VAL C 32 -13.86 23.58 -22.73
CA VAL C 32 -13.38 24.95 -22.61
C VAL C 32 -11.86 24.90 -22.40
N VAL C 33 -11.13 25.69 -23.19
CA VAL C 33 -9.68 25.68 -23.24
C VAL C 33 -9.14 27.06 -22.95
N ALA C 34 -8.27 27.17 -21.95
CA ALA C 34 -7.70 28.46 -21.57
C ALA C 34 -6.19 28.36 -21.49
N LEU C 35 -5.51 29.39 -22.01
CA LEU C 35 -4.07 29.46 -22.01
C LEU C 35 -3.63 30.78 -21.41
N GLU C 36 -2.70 30.72 -20.45
CA GLU C 36 -1.96 31.91 -20.03
C GLU C 36 -0.51 31.72 -20.46
N GLU C 37 -0.12 32.37 -21.55
CA GLU C 37 1.24 32.26 -22.04
C GLU C 37 2.22 32.99 -21.13
N ARG C 38 3.43 32.44 -21.03
CA ARG C 38 4.48 32.99 -20.18
C ARG C 38 5.84 32.74 -20.82
N ASP C 39 6.80 33.56 -20.41
CA ASP C 39 8.19 33.45 -20.85
C ASP C 39 8.90 32.46 -19.93
N PHE C 40 8.62 31.18 -20.11
CA PHE C 40 9.13 30.18 -19.18
C PHE C 40 9.22 28.82 -19.86
N PRO C 41 10.37 28.13 -19.80
CA PRO C 41 10.57 26.88 -20.56
C PRO C 41 9.89 25.66 -19.93
N GLY C 42 8.60 25.79 -19.65
CA GLY C 42 7.84 24.70 -19.08
C GLY C 42 6.37 24.96 -19.26
N VAL C 43 5.58 23.88 -19.25
CA VAL C 43 4.15 23.94 -19.46
C VAL C 43 3.45 23.10 -18.40
N ALA C 44 2.36 23.65 -17.84
CA ALA C 44 1.54 22.92 -16.89
C ALA C 44 0.09 23.08 -17.27
N PHE C 45 -0.70 22.03 -17.08
CA PHE C 45 -2.13 22.12 -17.30
C PHE C 45 -2.87 21.46 -16.13
N GLN C 46 -4.11 21.89 -16.00
CA GLN C 46 -5.07 21.28 -15.10
C GLN C 46 -6.31 20.98 -15.93
N LEU C 47 -6.72 19.72 -15.95
CA LEU C 47 -7.88 19.30 -16.70
C LEU C 47 -8.93 18.83 -15.71
N LEU C 48 -10.11 19.45 -15.76
CA LEU C 48 -11.24 19.08 -14.91
C LEU C 48 -12.31 18.38 -15.75
N VAL C 49 -12.70 17.20 -15.33
CA VAL C 49 -13.75 16.43 -15.97
C VAL C 49 -14.94 16.43 -15.02
N PRO C 50 -16.14 16.77 -15.49
CA PRO C 50 -17.28 16.97 -14.58
C PRO C 50 -17.89 15.68 -14.04
N ALA C 51 -17.04 14.78 -13.55
CA ALA C 51 -17.42 13.58 -12.83
C ALA C 51 -16.87 13.67 -11.41
N GLY C 52 -17.76 13.64 -10.41
CA GLY C 52 -17.33 13.71 -9.03
C GLY C 52 -18.29 12.92 -8.17
N ALA C 53 -17.96 12.82 -6.88
CA ALA C 53 -18.86 12.17 -5.95
C ALA C 53 -20.27 12.76 -6.01
N VAL C 54 -20.40 14.04 -6.37
CA VAL C 54 -21.71 14.68 -6.39
C VAL C 54 -22.66 14.05 -7.40
N ASN C 55 -22.16 13.58 -8.55
CA ASN C 55 -23.03 12.91 -9.52
C ASN C 55 -22.65 11.44 -9.73
N ASP C 56 -22.06 10.80 -8.72
CA ASP C 56 -21.98 9.34 -8.74
C ASP C 56 -23.40 8.76 -8.78
N PRO C 57 -23.64 7.69 -9.52
CA PRO C 57 -24.97 7.05 -9.49
C PRO C 57 -25.31 6.56 -8.09
N GLU C 58 -26.60 6.56 -7.79
CA GLU C 58 -27.08 6.13 -6.48
C GLU C 58 -26.65 4.69 -6.18
N GLY C 59 -26.19 4.45 -4.95
CA GLY C 59 -25.63 3.16 -4.59
C GLY C 59 -24.23 2.89 -5.10
N MET C 60 -23.69 3.75 -5.96
CA MET C 60 -22.32 3.59 -6.44
C MET C 60 -21.45 4.75 -5.98
N GLU C 61 -21.49 5.05 -4.69
CA GLU C 61 -20.70 6.14 -4.13
C GLU C 61 -19.23 5.73 -4.12
N GLY C 62 -18.40 6.49 -4.84
CA GLY C 62 -17.04 6.11 -5.13
C GLY C 62 -16.79 5.76 -6.58
N ALA C 63 -17.83 5.81 -7.43
CA ALA C 63 -17.68 5.42 -8.83
C ALA C 63 -16.65 6.30 -9.54
N ALA C 64 -16.72 7.62 -9.30
CA ALA C 64 -15.74 8.52 -9.92
C ALA C 64 -14.31 8.18 -9.49
N ALA C 65 -14.15 7.77 -8.23
CA ALA C 65 -12.84 7.35 -7.75
C ALA C 65 -12.40 6.05 -8.41
N LEU C 66 -13.34 5.15 -8.69
CA LEU C 66 -12.98 3.94 -9.40
C LEU C 66 -12.62 4.25 -10.86
N LEU C 67 -13.37 5.17 -11.47
CA LEU C 67 -13.14 5.50 -12.87
C LEU C 67 -11.76 6.12 -13.06
N GLU C 68 -11.41 7.09 -12.21
CA GLU C 68 -10.10 7.72 -12.30
C GLU C 68 -8.98 6.68 -12.19
N GLY C 69 -9.10 5.74 -11.26
CA GLY C 69 -8.09 4.70 -11.14
C GLY C 69 -8.08 3.75 -12.32
N TRP C 70 -9.26 3.51 -12.92
CA TRP C 70 -9.39 2.54 -14.01
C TRP C 70 -8.78 3.06 -15.31
N LEU C 71 -8.92 4.37 -15.59
CA LEU C 71 -8.35 4.93 -16.81
C LEU C 71 -6.86 4.63 -16.93
N TRP C 72 -6.14 4.64 -15.81
CA TRP C 72 -4.70 4.43 -15.87
C TRP C 72 -4.33 2.96 -16.06
N LYS C 73 -5.31 2.06 -16.15
CA LYS C 73 -5.03 0.68 -16.50
C LYS C 73 -4.91 0.46 -18.01
N GLY C 74 -4.87 1.52 -18.81
CA GLY C 74 -4.61 1.39 -20.23
C GLY C 74 -5.46 2.27 -21.11
N ALA C 75 -4.92 2.64 -22.27
CA ALA C 75 -5.63 3.47 -23.22
C ALA C 75 -5.13 3.13 -24.61
N GLY C 76 -6.06 3.06 -25.57
CA GLY C 76 -5.72 2.63 -26.91
C GLY C 76 -4.91 1.35 -26.95
N ASP C 77 -3.70 1.44 -27.48
CA ASP C 77 -2.82 0.30 -27.68
C ASP C 77 -1.94 -0.01 -26.47
N LEU C 78 -2.03 0.79 -25.42
CA LEU C 78 -1.09 0.75 -24.31
C LEU C 78 -1.73 0.14 -23.07
N ASP C 79 -1.09 -0.87 -22.50
CA ASP C 79 -1.57 -1.42 -21.23
C ASP C 79 -1.12 -0.52 -20.08
N ALA C 80 -1.38 -0.94 -18.84
CA ALA C 80 -1.11 -0.08 -17.70
C ALA C 80 0.36 0.30 -17.62
N ARG C 81 1.24 -0.69 -17.73
CA ARG C 81 2.67 -0.43 -17.60
C ARG C 81 3.19 0.39 -18.76
N ALA C 82 2.73 0.10 -19.97
CA ALA C 82 3.20 0.84 -21.14
C ALA C 82 2.71 2.29 -21.13
N LEU C 83 1.49 2.53 -20.65
CA LEU C 83 0.98 3.90 -20.57
C LEU C 83 1.79 4.73 -19.58
N ALA C 84 2.04 4.18 -18.39
CA ALA C 84 2.87 4.86 -17.40
C ALA C 84 4.26 5.12 -17.95
N GLN C 85 4.81 4.16 -18.69
CA GLN C 85 6.18 4.34 -19.22
C GLN C 85 6.19 5.37 -20.33
N ALA C 86 5.15 5.42 -21.16
CA ALA C 86 5.10 6.40 -22.24
C ALA C 86 5.05 7.82 -21.70
N LEU C 87 4.27 8.05 -20.65
CA LEU C 87 4.23 9.38 -20.04
C LEU C 87 5.52 9.68 -19.28
N ASP C 88 6.07 8.69 -18.57
CA ASP C 88 7.33 8.90 -17.87
C ASP C 88 8.49 9.17 -18.82
N ALA C 89 8.46 8.61 -20.03
CA ALA C 89 9.52 8.87 -21.01
C ALA C 89 9.48 10.29 -21.55
N LEU C 90 8.36 10.99 -21.41
CA LEU C 90 8.27 12.41 -21.75
C LEU C 90 8.55 13.31 -20.56
N GLY C 91 8.93 12.73 -19.42
CA GLY C 91 9.18 13.50 -18.21
C GLY C 91 7.96 14.17 -17.59
N VAL C 92 6.78 13.58 -17.73
CA VAL C 92 5.55 14.21 -17.24
C VAL C 92 5.43 14.03 -15.73
N ARG C 93 5.41 15.13 -14.99
CA ARG C 93 5.14 15.11 -13.56
C ARG C 93 3.64 15.34 -13.38
N ARG C 94 2.93 14.38 -12.81
CA ARG C 94 1.48 14.42 -12.89
C ARG C 94 0.86 13.90 -11.60
N SER C 95 -0.39 14.28 -11.39
CA SER C 95 -1.24 13.68 -10.37
C SER C 95 -2.68 13.84 -10.81
N SER C 96 -3.53 12.97 -10.30
CA SER C 96 -4.94 13.07 -10.62
C SER C 96 -5.76 12.51 -9.46
N GLY C 97 -7.05 12.84 -9.45
CA GLY C 97 -7.92 12.33 -8.42
C GLY C 97 -9.35 12.80 -8.54
N ALA C 98 -10.30 11.93 -8.19
CA ALA C 98 -11.71 12.29 -8.16
C ALA C 98 -12.00 13.10 -6.90
N GLY C 99 -12.58 14.28 -7.06
CA GLY C 99 -13.01 15.10 -5.96
C GLY C 99 -14.52 15.11 -5.83
N LEU C 100 -15.02 16.11 -5.09
CA LEU C 100 -16.45 16.24 -4.85
C LEU C 100 -17.20 16.62 -6.12
N GLU C 101 -16.74 17.68 -6.80
CA GLU C 101 -17.48 18.22 -7.92
C GLU C 101 -16.92 17.84 -9.29
N TYR C 102 -15.71 17.27 -9.34
CA TYR C 102 -15.07 16.99 -10.62
C TYR C 102 -13.82 16.16 -10.36
N THR C 103 -13.27 15.61 -11.44
CA THR C 103 -12.02 14.87 -11.39
C THR C 103 -10.92 15.70 -12.06
N ALA C 104 -9.80 15.84 -11.37
CA ALA C 104 -8.75 16.77 -11.77
C ALA C 104 -7.53 15.98 -12.23
N PHE C 105 -7.00 16.33 -13.41
CA PHE C 105 -5.77 15.76 -13.94
C PHE C 105 -4.77 16.89 -14.10
N ALA C 106 -3.69 16.85 -13.32
CA ALA C 106 -2.65 17.86 -13.39
C ALA C 106 -1.39 17.26 -14.02
N ALA C 107 -0.76 18.01 -14.92
CA ALA C 107 0.46 17.55 -15.57
C ALA C 107 1.40 18.73 -15.81
N ALA C 108 2.70 18.46 -15.74
CA ALA C 108 3.71 19.46 -16.04
C ALA C 108 4.84 18.79 -16.81
N PHE C 109 5.42 19.54 -17.73
CA PHE C 109 6.39 18.96 -18.66
C PHE C 109 7.08 20.11 -19.38
N LEU C 110 8.14 19.78 -20.07
CA LEU C 110 8.90 20.75 -20.87
C LEU C 110 8.30 20.84 -22.27
N PRO C 111 8.42 22.01 -22.94
CA PRO C 111 7.58 22.27 -24.12
C PRO C 111 7.81 21.31 -25.28
N GLU C 112 9.03 20.77 -25.43
CA GLU C 112 9.36 19.93 -26.58
C GLU C 112 8.41 18.76 -26.74
N VAL C 113 7.82 18.27 -25.63
CA VAL C 113 6.98 17.08 -25.67
C VAL C 113 5.49 17.42 -25.71
N LEU C 114 5.13 18.68 -26.00
CA LEU C 114 3.75 19.15 -25.96
C LEU C 114 2.78 18.21 -26.69
N ASP C 115 3.03 17.98 -27.98
CA ASP C 115 2.08 17.28 -28.82
C ASP C 115 1.83 15.86 -28.35
N GLU C 116 2.89 15.16 -27.89
CA GLU C 116 2.68 13.77 -27.53
C GLU C 116 2.00 13.62 -26.19
N VAL C 117 2.21 14.57 -25.26
CA VAL C 117 1.53 14.51 -23.97
C VAL C 117 0.03 14.69 -24.14
N PHE C 118 -0.38 15.67 -24.94
CA PHE C 118 -1.81 15.84 -25.16
C PHE C 118 -2.41 14.71 -25.97
N ARG C 119 -1.62 14.12 -26.88
CA ARG C 119 -2.13 12.98 -27.61
C ARG C 119 -2.42 11.82 -26.67
N LEU C 120 -1.55 11.59 -25.68
CA LEU C 120 -1.78 10.47 -24.78
C LEU C 120 -2.91 10.76 -23.80
N TYR C 121 -3.00 11.98 -23.29
CA TYR C 121 -4.13 12.30 -22.42
C TYR C 121 -5.47 12.21 -23.15
N ALA C 122 -5.50 12.56 -24.44
CA ALA C 122 -6.75 12.40 -25.19
C ALA C 122 -7.11 10.92 -25.33
N LEU C 123 -6.11 10.07 -25.61
CA LEU C 123 -6.30 8.63 -25.61
C LEU C 123 -6.90 8.15 -24.30
N LEU C 124 -6.28 8.57 -23.18
CA LEU C 124 -6.72 8.15 -21.86
C LEU C 124 -8.18 8.56 -21.58
N LEU C 125 -8.57 9.76 -21.98
CA LEU C 125 -9.93 10.23 -21.66
C LEU C 125 -10.97 9.75 -22.65
N THR C 126 -10.61 9.59 -23.92
CA THR C 126 -11.58 9.24 -24.93
C THR C 126 -11.59 7.76 -25.29
N ARG C 127 -10.51 7.03 -25.07
CA ARG C 127 -10.43 5.62 -25.48
C ARG C 127 -9.73 4.77 -24.44
N PRO C 128 -10.22 4.78 -23.19
CA PRO C 128 -9.62 3.91 -22.18
C PRO C 128 -10.00 2.46 -22.40
N ARG C 129 -9.09 1.56 -22.05
CA ARG C 129 -9.37 0.14 -22.24
C ARG C 129 -10.33 -0.39 -21.19
N LEU C 130 -10.32 0.20 -19.99
CA LEU C 130 -11.10 -0.24 -18.84
C LEU C 130 -11.08 -1.78 -18.75
N PRO C 131 -9.89 -2.38 -18.63
CA PRO C 131 -9.82 -3.85 -18.62
C PRO C 131 -10.50 -4.39 -17.38
N GLU C 132 -11.37 -5.39 -17.57
CA GLU C 132 -12.01 -5.99 -16.42
C GLU C 132 -11.02 -6.75 -15.54
N GLU C 133 -9.90 -7.18 -16.10
CA GLU C 133 -8.88 -7.85 -15.30
C GLU C 133 -8.10 -6.89 -14.40
N GLY C 134 -8.21 -5.58 -14.60
CA GLY C 134 -7.51 -4.64 -13.74
C GLY C 134 -8.41 -3.96 -12.73
N LEU C 135 -9.74 -4.07 -12.89
CA LEU C 135 -10.65 -3.36 -12.00
C LEU C 135 -10.49 -3.80 -10.55
N GLU C 136 -10.11 -5.05 -10.32
CA GLU C 136 -10.04 -5.52 -8.93
C GLU C 136 -8.87 -4.89 -8.19
N ALA C 137 -7.75 -4.61 -8.87
CA ALA C 137 -6.68 -3.88 -8.22
C ALA C 137 -7.05 -2.41 -8.02
N VAL C 138 -7.76 -1.82 -8.99
CA VAL C 138 -8.30 -0.46 -8.83
C VAL C 138 -9.18 -0.42 -7.58
N ARG C 139 -10.15 -1.32 -7.50
CA ARG C 139 -11.08 -1.34 -6.38
C ARG C 139 -10.34 -1.47 -5.07
N SER C 140 -9.32 -2.34 -5.02
CA SER C 140 -8.55 -2.57 -3.80
C SER C 140 -7.81 -1.31 -3.36
N VAL C 141 -7.20 -0.59 -4.31
CA VAL C 141 -6.53 0.65 -3.94
C VAL C 141 -7.52 1.68 -3.41
N ALA C 142 -8.69 1.80 -4.04
CA ALA C 142 -9.66 2.80 -3.58
C ALA C 142 -10.15 2.47 -2.17
N LEU C 143 -10.31 1.20 -1.85
CA LEU C 143 -10.70 0.83 -0.50
C LEU C 143 -9.60 1.13 0.53
N GLN C 144 -8.32 0.98 0.16
CA GLN C 144 -7.26 1.40 1.08
C GLN C 144 -7.29 2.91 1.29
N ALA C 145 -7.45 3.68 0.22
CA ALA C 145 -7.55 5.14 0.36
C ALA C 145 -8.72 5.54 1.25
N LEU C 146 -9.89 4.94 1.05
CA LEU C 146 -11.01 5.25 1.94
C LEU C 146 -10.66 4.90 3.38
N LEU C 147 -9.97 3.77 3.56
CA LEU C 147 -9.65 3.33 4.90
C LEU C 147 -8.66 4.26 5.60
N SER C 148 -7.74 4.89 4.85
CA SER C 148 -6.78 5.78 5.49
C SER C 148 -7.44 7.03 6.08
N LEU C 149 -8.66 7.37 5.64
CA LEU C 149 -9.36 8.51 6.23
C LEU C 149 -9.64 8.29 7.71
N GLU C 150 -9.89 7.04 8.11
CA GLU C 150 -10.11 6.71 9.51
C GLU C 150 -8.90 6.94 10.40
N ASP C 151 -7.70 7.06 9.84
CA ASP C 151 -6.49 7.37 10.62
C ASP C 151 -6.09 8.84 10.57
N GLN C 152 -6.92 9.71 9.98
CA GLN C 152 -6.66 11.14 9.88
C GLN C 152 -7.80 11.88 10.58
N PRO C 153 -7.73 12.04 11.91
CA PRO C 153 -8.93 12.49 12.65
C PRO C 153 -9.45 13.85 12.24
N ALA C 154 -8.56 14.80 11.95
CA ALA C 154 -9.02 16.10 11.49
C ALA C 154 -9.84 15.96 10.22
N ARG C 155 -9.27 15.29 9.22
CA ARG C 155 -9.94 15.15 7.94
C ARG C 155 -11.20 14.30 8.05
N LYS C 156 -11.17 13.26 8.89
CA LYS C 156 -12.35 12.44 9.11
C LYS C 156 -13.49 13.27 9.69
N LEU C 157 -13.21 14.06 10.74
CA LEU C 157 -14.25 14.92 11.31
C LEU C 157 -14.83 15.85 10.26
N LEU C 158 -13.97 16.54 9.50
CA LEU C 158 -14.46 17.50 8.51
C LEU C 158 -15.23 16.82 7.39
N SER C 159 -14.90 15.56 7.09
CA SER C 159 -15.69 14.77 6.16
C SER C 159 -17.10 14.53 6.68
N GLU C 160 -17.21 14.06 7.92
CA GLU C 160 -18.53 13.85 8.52
C GLU C 160 -19.31 15.15 8.67
N LEU C 161 -18.62 16.23 9.01
CA LEU C 161 -19.30 17.52 9.15
C LEU C 161 -19.99 17.93 7.85
N ARG C 162 -19.28 17.80 6.73
CA ARG C 162 -19.90 18.19 5.46
C ARG C 162 -21.06 17.28 5.10
N ARG C 163 -20.93 15.98 5.41
CA ARG C 163 -22.03 15.06 5.18
C ARG C 163 -23.25 15.41 6.05
N LYS C 164 -23.03 16.01 7.22
CA LYS C 164 -24.15 16.44 8.06
C LYS C 164 -24.78 17.73 7.56
N VAL C 165 -23.95 18.60 6.96
CA VAL C 165 -24.42 19.90 6.48
C VAL C 165 -25.41 19.72 5.33
N PHE C 166 -25.12 18.79 4.42
CA PHE C 166 -25.87 18.62 3.19
C PHE C 166 -26.81 17.43 3.28
N ARG C 167 -28.05 17.64 2.87
CA ARG C 167 -28.92 16.53 2.49
C ARG C 167 -28.62 16.02 1.09
N SER C 168 -28.21 16.91 0.20
CA SER C 168 -27.96 16.59 -1.20
C SER C 168 -26.64 15.82 -1.36
N PRO C 169 -26.34 15.33 -2.57
CA PRO C 169 -25.05 14.62 -2.79
C PRO C 169 -23.81 15.46 -2.51
N HIS C 170 -23.94 16.77 -2.31
CA HIS C 170 -22.78 17.60 -1.97
C HIS C 170 -22.19 17.23 -0.62
N GLY C 171 -22.89 16.44 0.18
CA GLY C 171 -22.33 15.97 1.42
C GLY C 171 -21.51 14.71 1.31
N ARG C 172 -21.40 14.13 0.10
CA ARG C 172 -20.76 12.82 -0.08
C ARG C 172 -19.26 12.91 0.16
N GLU C 173 -18.70 11.80 0.54
CA GLU C 173 -17.24 11.76 0.70
C GLU C 173 -16.58 11.45 -0.64
N PRO C 174 -15.62 12.28 -1.10
CA PRO C 174 -15.04 12.04 -2.44
C PRO C 174 -14.33 10.71 -2.60
N LEU C 175 -13.77 10.15 -1.53
CA LEU C 175 -13.17 8.81 -1.62
C LEU C 175 -14.23 7.71 -1.73
N GLY C 176 -15.52 8.03 -1.58
CA GLY C 176 -16.58 7.07 -1.73
C GLY C 176 -17.06 6.48 -0.42
N ARG C 177 -17.90 5.44 -0.55
CA ARG C 177 -18.43 4.65 0.55
C ARG C 177 -18.01 3.21 0.36
N GLU C 178 -17.69 2.55 1.48
CA GLU C 178 -17.19 1.18 1.43
C GLU C 178 -18.14 0.26 0.65
N GLU C 179 -19.44 0.33 0.97
CA GLU C 179 -20.44 -0.45 0.24
C GLU C 179 -20.44 -0.12 -1.23
N GLY C 180 -20.34 1.16 -1.57
CA GLY C 180 -20.29 1.54 -2.97
C GLY C 180 -19.07 0.98 -3.67
N LEU C 181 -17.90 1.13 -3.05
CA LEU C 181 -16.68 0.66 -3.70
C LEU C 181 -16.69 -0.85 -3.86
N LYS C 182 -17.13 -1.57 -2.83
CA LYS C 182 -17.19 -3.02 -2.95
C LYS C 182 -18.27 -3.48 -3.93
N GLY C 183 -19.34 -2.70 -4.10
CA GLY C 183 -20.44 -3.15 -4.91
C GLY C 183 -20.40 -2.83 -6.39
N ALA C 184 -19.48 -1.96 -6.83
CA ALA C 184 -19.54 -1.43 -8.18
C ALA C 184 -19.16 -2.49 -9.21
N ARG C 185 -20.00 -2.66 -10.22
CA ARG C 185 -19.77 -3.67 -11.24
C ARG C 185 -19.16 -3.06 -12.50
N ALA C 186 -18.31 -3.86 -13.15
CA ALA C 186 -17.56 -3.39 -14.31
C ALA C 186 -18.48 -2.81 -15.38
N GLU C 187 -19.57 -3.50 -15.69
CA GLU C 187 -20.41 -3.03 -16.79
C GLU C 187 -21.17 -1.77 -16.41
N ALA C 188 -21.63 -1.67 -15.16
CA ALA C 188 -22.29 -0.45 -14.73
C ALA C 188 -21.30 0.72 -14.71
N LEU C 189 -20.06 0.44 -14.31
CA LEU C 189 -19.02 1.48 -14.30
C LEU C 189 -18.71 1.95 -15.71
N LYS C 190 -18.68 1.04 -16.69
CA LYS C 190 -18.39 1.43 -18.06
C LYS C 190 -19.51 2.32 -18.63
N ALA C 191 -20.77 1.96 -18.37
CA ALA C 191 -21.85 2.84 -18.77
C ALA C 191 -21.73 4.19 -18.08
N ASP C 192 -21.37 4.17 -16.80
CA ASP C 192 -21.13 5.43 -16.07
C ASP C 192 -20.08 6.29 -16.78
N TYR C 193 -18.96 5.66 -17.17
CA TYR C 193 -17.91 6.40 -17.86
C TYR C 193 -18.43 7.00 -19.16
N ARG C 194 -19.18 6.23 -19.91
CA ARG C 194 -19.68 6.72 -21.16
C ARG C 194 -20.56 7.89 -20.95
N ARG C 195 -21.29 7.89 -19.88
CA ARG C 195 -22.18 8.97 -19.53
C ARG C 195 -21.48 10.20 -18.95
N ARG C 196 -20.64 9.99 -17.93
CA ARG C 196 -20.00 11.07 -17.22
C ARG C 196 -18.71 11.70 -17.73
N TYR C 197 -17.86 10.97 -18.42
CA TYR C 197 -16.62 11.56 -18.94
C TYR C 197 -16.97 12.28 -20.24
N THR C 198 -17.37 13.53 -20.10
CA THR C 198 -17.89 14.29 -21.22
C THR C 198 -17.13 15.59 -21.39
N PRO C 199 -16.93 16.04 -22.63
CA PRO C 199 -16.28 17.35 -22.82
C PRO C 199 -17.16 18.52 -22.43
N LYS C 200 -18.49 18.33 -22.40
CA LYS C 200 -19.45 19.41 -22.09
C LYS C 200 -19.46 19.62 -20.59
N GLY C 201 -18.84 20.69 -20.15
CA GLY C 201 -18.58 20.90 -18.74
C GLY C 201 -17.16 20.58 -18.31
N ALA C 202 -16.34 20.05 -19.20
CA ALA C 202 -14.93 19.80 -18.91
C ALA C 202 -14.11 21.04 -19.22
N ILE C 203 -13.01 21.20 -18.49
CA ILE C 203 -12.19 22.41 -18.56
C ILE C 203 -10.73 22.02 -18.68
N LEU C 204 -9.98 22.71 -19.54
CA LEU C 204 -8.54 22.51 -19.70
C LEU C 204 -7.85 23.86 -19.58
N ALA C 205 -7.16 24.09 -18.47
CA ALA C 205 -6.39 25.32 -18.27
C ALA C 205 -4.91 25.01 -18.42
N VAL C 206 -4.22 25.81 -19.23
CA VAL C 206 -2.81 25.62 -19.55
C VAL C 206 -2.08 26.92 -19.21
N ALA C 207 -0.87 26.81 -18.66
CA ALA C 207 -0.04 27.97 -18.39
C ALA C 207 1.43 27.66 -18.71
N GLY C 208 2.14 28.64 -19.27
CA GLY C 208 3.57 28.48 -19.45
C GLY C 208 4.03 28.80 -20.86
N GLY C 209 5.20 28.28 -21.21
CA GLY C 209 5.86 28.64 -22.45
C GLY C 209 5.33 27.95 -23.68
N VAL C 210 4.08 28.24 -24.04
CA VAL C 210 3.48 27.70 -25.26
C VAL C 210 2.52 28.75 -25.82
N SER C 211 2.49 28.88 -27.14
CA SER C 211 1.62 29.86 -27.78
C SER C 211 0.26 29.25 -28.12
N TRP C 212 -0.68 30.11 -28.52
CA TRP C 212 -2.04 29.64 -28.74
C TRP C 212 -2.13 28.73 -29.97
N GLU C 213 -1.50 29.12 -31.08
CA GLU C 213 -1.54 28.28 -32.28
C GLU C 213 -0.92 26.94 -31.97
N ARG C 214 0.21 26.98 -31.28
CA ARG C 214 0.93 25.79 -30.85
C ARG C 214 0.03 24.89 -30.01
N LEU C 215 -0.64 25.46 -29.00
CA LEU C 215 -1.51 24.65 -28.14
C LEU C 215 -2.72 24.14 -28.91
N ARG C 216 -3.32 25.01 -29.74
CA ARG C 216 -4.49 24.64 -30.53
C ARG C 216 -4.19 23.42 -31.40
N ALA C 217 -3.01 23.41 -32.05
CA ALA C 217 -2.62 22.25 -32.86
C ALA C 217 -2.40 21.02 -32.00
N ALA C 218 -1.84 21.18 -30.80
CA ALA C 218 -1.65 20.04 -29.91
C ALA C 218 -2.97 19.46 -29.43
N LEU C 219 -4.04 20.25 -29.39
CA LEU C 219 -5.30 19.79 -28.84
C LEU C 219 -6.16 19.05 -29.86
N GLU C 220 -5.75 18.97 -31.12
CA GLU C 220 -6.58 18.31 -32.13
C GLU C 220 -7.07 16.92 -31.75
N PRO C 221 -6.29 16.05 -31.07
CA PRO C 221 -6.83 14.75 -30.65
C PRO C 221 -8.01 14.84 -29.70
N PHE C 222 -8.25 15.98 -29.05
CA PHE C 222 -9.41 16.11 -28.18
C PHE C 222 -10.70 16.36 -28.93
N LEU C 223 -10.62 16.85 -30.18
CA LEU C 223 -11.82 17.22 -30.90
C LEU C 223 -12.76 16.05 -31.13
N ALA C 224 -12.26 14.82 -31.11
CA ALA C 224 -13.10 13.64 -31.26
C ALA C 224 -13.80 13.23 -29.97
N TRP C 225 -13.43 13.82 -28.84
CA TRP C 225 -14.16 13.60 -27.60
C TRP C 225 -15.58 14.16 -27.73
N GLU C 226 -16.58 13.39 -27.27
CA GLU C 226 -17.96 13.82 -27.39
C GLU C 226 -18.77 13.39 -26.16
N GLY C 227 -19.84 14.13 -25.89
CA GLY C 227 -20.74 13.76 -24.80
C GLY C 227 -21.87 14.76 -24.66
N GLU C 228 -22.80 14.42 -23.78
CA GLU C 228 -23.90 15.32 -23.45
C GLU C 228 -23.58 16.10 -22.18
N GLU C 229 -24.42 17.07 -21.88
CA GLU C 229 -24.14 17.96 -20.76
C GLU C 229 -24.05 17.18 -19.45
N ALA C 230 -23.03 17.49 -18.66
CA ALA C 230 -22.88 16.90 -17.34
C ALA C 230 -24.04 17.32 -16.44
N LEU C 231 -24.45 16.40 -15.56
CA LEU C 231 -25.50 16.64 -14.58
C LEU C 231 -24.94 17.10 -13.24
N TYR C 232 -25.67 17.98 -12.57
CA TYR C 232 -25.28 18.49 -11.25
CA TYR C 232 -25.28 18.43 -11.24
C TYR C 232 -26.54 18.73 -10.43
N PRO C 233 -26.73 18.04 -9.31
CA PRO C 233 -27.93 18.27 -8.50
C PRO C 233 -27.85 19.57 -7.72
N ALA C 234 -29.02 20.08 -7.37
CA ALA C 234 -29.08 21.32 -6.59
C ALA C 234 -28.60 21.06 -5.17
N PRO C 235 -27.83 21.97 -4.58
CA PRO C 235 -27.48 21.83 -3.16
C PRO C 235 -28.71 21.96 -2.29
N GLU C 236 -28.72 21.22 -1.18
CA GLU C 236 -29.77 21.33 -0.16
C GLU C 236 -29.17 21.13 1.22
N LEU C 237 -29.24 22.16 2.05
CA LEU C 237 -28.75 22.06 3.41
C LEU C 237 -29.75 21.29 4.28
N SER C 238 -29.24 20.72 5.36
CA SER C 238 -30.05 20.17 6.42
C SER C 238 -30.34 21.29 7.43
N GLU C 239 -30.67 20.95 8.66
CA GLU C 239 -30.77 21.99 9.67
C GLU C 239 -29.60 21.91 10.64
N PRO C 240 -29.03 23.05 11.06
CA PRO C 240 -27.89 23.03 11.98
C PRO C 240 -28.17 22.16 13.19
N HIS C 241 -27.17 21.35 13.54
CA HIS C 241 -27.23 20.52 14.73
C HIS C 241 -25.82 20.12 15.11
N ARG C 242 -25.70 19.57 16.30
CA ARG C 242 -24.44 19.17 16.89
C ARG C 242 -24.35 17.65 16.80
N PHE C 243 -23.14 17.14 16.54
CA PHE C 243 -22.94 15.70 16.57
C PHE C 243 -21.56 15.42 17.12
N VAL C 244 -21.38 14.20 17.62
CA VAL C 244 -20.14 13.77 18.26
C VAL C 244 -19.74 12.42 17.69
N LEU C 245 -18.45 12.27 17.38
CA LEU C 245 -17.86 11.02 16.97
C LEU C 245 -16.88 10.59 18.06
N ARG C 246 -17.25 9.56 18.83
CA ARG C 246 -16.41 9.13 19.94
C ARG C 246 -15.31 8.20 19.45
N ARG C 247 -14.06 8.62 19.59
CA ARG C 247 -12.87 7.93 19.11
C ARG C 247 -11.77 8.09 20.15
N PRO C 248 -10.93 7.17 20.27
CA PRO C 248 -9.84 7.28 21.26
C PRO C 248 -8.60 8.01 20.72
N THR C 249 -8.80 9.26 20.30
CA THR C 249 -7.72 10.09 19.79
C THR C 249 -7.04 10.87 20.92
N ALA C 250 -5.79 11.24 20.68
CA ALA C 250 -5.05 12.07 21.63
C ALA C 250 -5.65 13.48 21.75
N GLN C 251 -6.09 14.07 20.64
CA GLN C 251 -6.73 15.37 20.65
C GLN C 251 -8.20 15.28 20.24
N VAL C 252 -9.01 16.18 20.79
CA VAL C 252 -10.37 16.37 20.32
C VAL C 252 -10.34 17.24 19.07
N GLN C 253 -11.01 16.80 18.01
CA GLN C 253 -11.16 17.61 16.82
C GLN C 253 -12.45 18.41 16.93
N ILE C 254 -12.36 19.71 16.74
CA ILE C 254 -13.51 20.60 16.77
C ILE C 254 -13.73 21.17 15.38
N GLY C 255 -14.95 21.02 14.86
CA GLY C 255 -15.33 21.56 13.57
C GLY C 255 -16.61 22.38 13.64
N LEU C 256 -16.60 23.57 13.06
CA LEU C 256 -17.80 24.38 12.84
C LEU C 256 -18.04 24.53 11.34
N ALA C 257 -19.31 24.61 10.94
CA ALA C 257 -19.68 24.94 9.57
C ALA C 257 -20.85 25.93 9.54
N TYR C 258 -20.69 26.98 8.74
CA TYR C 258 -21.64 28.05 8.51
C TYR C 258 -21.95 28.18 7.02
N PRO C 259 -23.19 28.50 6.66
CA PRO C 259 -23.43 28.97 5.29
C PRO C 259 -22.61 30.22 5.03
N ASP C 260 -22.19 30.40 3.77
CA ASP C 260 -21.37 31.55 3.43
C ASP C 260 -21.53 31.79 1.94
N VAL C 261 -21.16 33.00 1.51
CA VAL C 261 -21.11 33.23 0.08
C VAL C 261 -19.88 32.53 -0.49
N GLY C 262 -19.95 32.19 -1.75
CA GLY C 262 -18.81 31.63 -2.42
C GLY C 262 -18.28 32.61 -3.43
N PRO C 263 -17.48 32.11 -4.37
CA PRO C 263 -17.02 32.98 -5.46
C PRO C 263 -18.14 33.64 -6.25
N GLU C 264 -19.26 32.96 -6.49
CA GLU C 264 -20.34 33.50 -7.33
C GLU C 264 -21.26 34.43 -6.53
N ASP C 265 -20.67 35.49 -6.02
CA ASP C 265 -21.47 36.39 -5.22
C ASP C 265 -20.82 37.76 -5.31
N PRO C 266 -21.60 38.82 -5.53
CA PRO C 266 -20.99 40.16 -5.70
C PRO C 266 -20.30 40.67 -4.44
N GLY C 267 -20.60 40.09 -3.29
CA GLY C 267 -19.93 40.44 -2.04
C GLY C 267 -18.67 39.65 -1.78
N PHE C 268 -18.27 38.82 -2.74
CA PHE C 268 -17.14 37.92 -2.53
C PHE C 268 -15.90 38.63 -1.98
N TYR C 269 -15.45 39.72 -2.64
CA TYR C 269 -14.21 40.36 -2.21
C TYR C 269 -14.31 40.93 -0.79
N ALA C 270 -15.49 41.38 -0.36
CA ALA C 270 -15.66 41.81 1.03
C ALA C 270 -15.64 40.62 1.98
N ALA C 271 -16.22 39.49 1.58
CA ALA C 271 -16.20 38.31 2.43
C ALA C 271 -14.80 37.74 2.55
N ARG C 272 -14.03 37.77 1.46
CA ARG C 272 -12.67 37.25 1.47
C ARG C 272 -11.76 38.12 2.33
N LEU C 273 -11.96 39.43 2.29
CA LEU C 273 -11.17 40.30 3.16
C LEU C 273 -11.53 40.10 4.63
N ALA C 274 -12.81 39.87 4.95
CA ALA C 274 -13.13 39.62 6.35
C ALA C 274 -12.56 38.29 6.81
N LEU C 275 -12.55 37.29 5.94
CA LEU C 275 -11.95 35.99 6.26
C LEU C 275 -10.45 36.09 6.46
N GLU C 276 -9.78 37.00 5.74
CA GLU C 276 -8.36 37.23 5.98
C GLU C 276 -8.12 37.86 7.34
N VAL C 277 -9.00 38.78 7.75
CA VAL C 277 -8.93 39.31 9.11
C VAL C 277 -9.14 38.19 10.12
N LEU C 278 -10.10 37.31 9.85
CA LEU C 278 -10.47 36.29 10.82
C LEU C 278 -9.40 35.22 10.96
N SER C 279 -8.79 34.81 9.85
CA SER C 279 -7.96 33.61 9.83
C SER C 279 -6.78 33.64 8.87
N GLY C 280 -6.46 34.77 8.24
CA GLY C 280 -5.44 34.79 7.19
C GLY C 280 -3.98 34.68 7.63
N GLY C 281 -3.62 35.26 8.77
CA GLY C 281 -2.21 35.35 9.14
C GLY C 281 -1.91 35.31 10.62
N MET C 282 -0.68 35.71 11.03
CA MET C 282 -0.32 35.56 12.43
C MET C 282 -1.04 36.58 13.32
N SER C 283 -1.35 37.76 12.79
CA SER C 283 -2.13 38.74 13.56
C SER C 283 -3.62 38.61 13.33
N SER C 284 -4.07 37.52 12.70
CA SER C 284 -5.48 37.33 12.48
C SER C 284 -6.18 37.05 13.81
N ARG C 285 -7.51 37.16 13.78
CA ARG C 285 -8.30 37.04 15.00
C ARG C 285 -8.17 35.67 15.61
N LEU C 286 -8.28 34.61 14.80
CA LEU C 286 -8.27 33.25 15.35
C LEU C 286 -6.90 32.91 15.91
N PHE C 287 -5.85 33.15 15.12
CA PHE C 287 -4.49 32.90 15.58
C PHE C 287 -4.19 33.64 16.88
N THR C 288 -4.57 34.92 16.95
CA THR C 288 -4.31 35.72 18.14
C THR C 288 -5.05 35.16 19.35
N GLU C 289 -6.35 34.93 19.21
CA GLU C 289 -7.17 34.65 20.38
C GLU C 289 -7.00 33.22 20.87
N VAL C 290 -7.03 32.26 19.95
CA VAL C 290 -7.06 30.85 20.33
C VAL C 290 -5.66 30.33 20.62
N ARG C 291 -4.66 30.76 19.86
CA ARG C 291 -3.32 30.19 19.97
C ARG C 291 -2.34 31.09 20.69
N GLU C 292 -2.15 32.33 20.23
CA GLU C 292 -1.10 33.17 20.83
C GLU C 292 -1.45 33.58 22.26
N LYS C 293 -2.60 34.22 22.43
CA LYS C 293 -3.07 34.66 23.74
C LYS C 293 -3.20 33.50 24.71
N ARG C 294 -3.97 32.49 24.32
CA ARG C 294 -4.48 31.50 25.26
C ARG C 294 -3.83 30.14 25.19
N GLY C 295 -3.03 29.87 24.16
CA GLY C 295 -2.29 28.60 24.05
C GLY C 295 -3.14 27.35 24.07
N LEU C 296 -4.33 27.39 23.46
CA LEU C 296 -5.24 26.25 23.52
C LEU C 296 -4.99 25.20 22.45
N VAL C 297 -4.34 25.56 21.36
CA VAL C 297 -4.24 24.69 20.19
C VAL C 297 -2.85 24.86 19.60
N TYR C 298 -2.47 23.90 18.77
CA TYR C 298 -1.40 24.12 17.81
C TYR C 298 -1.97 24.60 16.47
N ALA C 299 -3.07 23.97 16.03
CA ALA C 299 -3.70 24.27 14.74
C ALA C 299 -5.07 24.87 14.98
N VAL C 300 -5.33 26.01 14.34
CA VAL C 300 -6.69 26.56 14.26
C VAL C 300 -6.78 27.32 12.97
N SER C 301 -7.91 27.17 12.26
CA SER C 301 -8.10 27.88 11.00
C SER C 301 -9.57 27.90 10.63
N ALA C 302 -9.92 28.86 9.77
CA ALA C 302 -11.22 28.95 9.12
C ALA C 302 -10.98 29.06 7.63
N PHE C 303 -11.81 28.40 6.81
CA PHE C 303 -11.49 28.27 5.39
C PHE C 303 -12.76 27.94 4.62
N PRO C 304 -12.81 28.28 3.33
CA PRO C 304 -13.97 27.90 2.50
C PRO C 304 -14.01 26.41 2.25
N ALA C 305 -15.23 25.86 2.22
CA ALA C 305 -15.40 24.43 2.06
C ALA C 305 -16.72 24.12 1.36
N GLY C 306 -17.23 25.05 0.56
CA GLY C 306 -18.51 24.89 -0.07
C GLY C 306 -18.41 24.33 -1.47
N VAL C 307 -19.51 24.47 -2.20
CA VAL C 307 -19.64 23.93 -3.55
C VAL C 307 -20.25 25.02 -4.41
N LYS C 308 -20.22 24.79 -5.73
CA LYS C 308 -21.01 25.60 -6.64
C LYS C 308 -22.46 25.64 -6.18
N GLY C 309 -22.98 26.86 -6.01
CA GLY C 309 -24.34 27.05 -5.56
C GLY C 309 -24.55 27.09 -4.06
N GLN C 310 -23.54 26.78 -3.24
CA GLN C 310 -23.71 26.83 -1.79
C GLN C 310 -22.33 26.97 -1.13
N GLY C 311 -21.96 28.20 -0.78
CA GLY C 311 -20.74 28.40 -0.05
C GLY C 311 -20.85 27.94 1.38
N LEU C 312 -19.71 27.56 1.96
CA LEU C 312 -19.63 27.07 3.32
C LEU C 312 -18.38 27.65 3.94
N LEU C 313 -18.48 28.08 5.20
CA LEU C 313 -17.30 28.45 5.97
C LEU C 313 -17.11 27.38 7.04
N MET C 314 -15.92 26.79 7.07
CA MET C 314 -15.55 25.82 8.09
C MET C 314 -14.46 26.42 8.97
N ALA C 315 -14.53 26.11 10.26
CA ALA C 315 -13.49 26.43 11.19
C ALA C 315 -13.09 25.14 11.91
N TYR C 316 -11.80 24.98 12.14
CA TYR C 316 -11.22 23.79 12.73
C TYR C 316 -10.33 24.18 13.90
N ALA C 317 -10.28 23.30 14.90
CA ALA C 317 -9.31 23.43 15.97
C ALA C 317 -9.02 22.06 16.57
N GLY C 318 -7.77 21.83 16.95
CA GLY C 318 -7.43 20.61 17.65
C GLY C 318 -6.92 20.91 19.06
N THR C 319 -7.43 20.22 20.07
CA THR C 319 -7.04 20.50 21.45
C THR C 319 -7.28 19.28 22.32
N THR C 320 -6.95 19.42 23.60
CA THR C 320 -7.12 18.36 24.58
C THR C 320 -8.55 18.34 25.10
N LYS C 321 -8.98 17.15 25.55
CA LYS C 321 -10.31 16.99 26.10
C LYS C 321 -10.62 18.05 27.16
N GLU C 322 -9.62 18.40 27.97
CA GLU C 322 -9.81 19.36 29.05
C GLU C 322 -10.03 20.77 28.53
N ARG C 323 -9.47 21.13 27.38
CA ARG C 323 -9.66 22.48 26.85
C ARG C 323 -10.72 22.56 25.74
N ALA C 324 -11.42 21.45 25.45
CA ALA C 324 -12.31 21.40 24.28
C ALA C 324 -13.50 22.34 24.44
N GLY C 325 -14.13 22.35 25.62
CA GLY C 325 -15.29 23.22 25.82
C GLY C 325 -14.94 24.69 25.65
N GLU C 326 -13.81 25.10 26.23
CA GLU C 326 -13.37 26.48 26.13
C GLU C 326 -12.94 26.82 24.70
N THR C 327 -12.24 25.90 24.03
CA THR C 327 -11.79 26.16 22.67
C THR C 327 -12.97 26.37 21.72
N LEU C 328 -13.97 25.49 21.83
CA LEU C 328 -15.16 25.59 21.00
C LEU C 328 -15.85 26.94 21.21
N GLU C 329 -15.86 27.43 22.46
CA GLU C 329 -16.58 28.66 22.77
C GLU C 329 -15.83 29.88 22.24
N VAL C 330 -14.51 29.94 22.42
CA VAL C 330 -13.72 31.04 21.86
C VAL C 330 -13.82 31.02 20.34
N LEU C 331 -13.58 29.85 19.74
CA LEU C 331 -13.62 29.71 18.29
C LEU C 331 -14.96 30.21 17.73
N ARG C 332 -16.06 29.70 18.27
CA ARG C 332 -17.37 30.12 17.78
C ARG C 332 -17.57 31.62 17.97
N ALA C 333 -17.13 32.15 19.13
CA ALA C 333 -17.38 33.56 19.45
C ALA C 333 -16.62 34.48 18.52
N GLU C 334 -15.36 34.15 18.20
CA GLU C 334 -14.61 34.95 17.25
C GLU C 334 -15.27 34.98 15.87
N VAL C 335 -15.78 33.83 15.41
CA VAL C 335 -16.41 33.81 14.09
C VAL C 335 -17.65 34.69 14.08
N GLU C 336 -18.50 34.51 15.07
CA GLU C 336 -19.77 35.24 15.06
C GLU C 336 -19.60 36.70 15.45
N ARG C 337 -18.49 37.05 16.05
CA ARG C 337 -18.17 38.41 16.41
C ARG C 337 -17.85 39.25 15.19
N LEU C 338 -17.37 38.60 14.14
CA LEU C 338 -17.02 39.28 12.90
C LEU C 338 -18.14 40.19 12.40
N ALA C 339 -19.40 39.84 12.66
CA ALA C 339 -20.50 40.67 12.19
C ALA C 339 -20.41 42.12 12.68
N GLU C 340 -19.73 42.36 13.80
CA GLU C 340 -19.57 43.72 14.32
C GLU C 340 -18.57 44.55 13.52
N GLY C 341 -17.83 43.95 12.59
CA GLY C 341 -16.97 44.70 11.69
C GLY C 341 -15.49 44.52 12.01
N VAL C 342 -14.68 45.21 11.20
CA VAL C 342 -13.23 45.23 11.35
C VAL C 342 -12.79 46.68 11.41
N THR C 343 -11.64 46.91 12.00
CA THR C 343 -11.05 48.24 12.03
C THR C 343 -10.40 48.58 10.70
N GLU C 344 -10.08 49.86 10.52
CA GLU C 344 -9.35 50.27 9.33
C GLU C 344 -7.97 49.62 9.27
N GLU C 345 -7.31 49.48 10.42
CA GLU C 345 -5.95 48.92 10.40
C GLU C 345 -5.98 47.43 10.11
N GLU C 346 -6.94 46.70 10.69
CA GLU C 346 -7.11 45.31 10.30
C GLU C 346 -7.32 45.18 8.80
N LEU C 347 -8.14 46.05 8.21
CA LEU C 347 -8.42 45.97 6.78
C LEU C 347 -7.19 46.23 5.95
N SER C 348 -6.37 47.22 6.35
CA SER C 348 -5.14 47.48 5.60
C SER C 348 -4.16 46.33 5.68
N ARG C 349 -3.99 45.73 6.87
CA ARG C 349 -3.10 44.58 6.97
C ARG C 349 -3.60 43.43 6.10
N ALA C 350 -4.90 43.22 6.06
CA ALA C 350 -5.47 42.16 5.23
C ALA C 350 -5.21 42.41 3.74
N LYS C 351 -5.24 43.67 3.31
CA LYS C 351 -5.07 43.96 1.88
C LYS C 351 -3.62 43.73 1.44
N VAL C 352 -2.65 44.19 2.24
CA VAL C 352 -1.26 44.08 1.81
C VAL C 352 -0.79 42.63 1.87
N GLY C 353 -1.41 41.81 2.72
CA GLY C 353 -1.01 40.42 2.80
C GLY C 353 -1.49 39.62 1.59
N LEU C 354 -2.79 39.73 1.30
CA LEU C 354 -3.37 39.11 0.11
C LEU C 354 -2.62 39.51 -1.16
N LYS C 355 -2.22 40.78 -1.25
CA LYS C 355 -1.50 41.22 -2.44
C LYS C 355 -0.21 40.44 -2.59
N THR C 356 0.52 40.23 -1.49
CA THR C 356 1.70 39.39 -1.52
C THR C 356 1.33 37.95 -1.85
N ALA C 357 0.28 37.43 -1.19
CA ALA C 357 -0.15 36.06 -1.44
C ALA C 357 -0.46 35.84 -2.92
N LEU C 358 -1.23 36.77 -3.50
CA LEU C 358 -1.64 36.63 -4.90
C LEU C 358 -0.44 36.63 -5.82
N VAL C 359 0.49 37.56 -5.59
CA VAL C 359 1.70 37.61 -6.39
C VAL C 359 2.50 36.31 -6.26
N MET C 360 2.56 35.74 -5.06
CA MET C 360 3.37 34.54 -4.85
C MET C 360 2.69 33.30 -5.43
N ALA C 361 1.36 33.17 -5.27
CA ALA C 361 0.62 32.09 -5.90
C ALA C 361 0.56 32.21 -7.42
N ASP C 362 0.90 33.37 -8.01
CA ASP C 362 1.00 33.53 -9.46
C ASP C 362 2.36 33.11 -9.97
N GLU C 363 3.28 32.79 -9.07
CA GLU C 363 4.64 32.47 -9.47
C GLU C 363 4.70 31.17 -10.27
N SER C 364 4.11 30.10 -9.74
CA SER C 364 4.20 28.78 -10.33
C SER C 364 3.13 28.55 -11.38
N ILE C 365 3.54 28.03 -12.55
CA ILE C 365 2.58 27.75 -13.60
C ILE C 365 1.62 26.66 -13.17
N ARG C 366 2.04 25.75 -12.30
CA ARG C 366 1.13 24.71 -11.84
C ARG C 366 0.01 25.30 -11.00
N SER C 367 0.35 26.21 -10.08
CA SER C 367 -0.69 26.84 -9.28
C SER C 367 -1.59 27.71 -10.15
N ARG C 368 -1.02 28.40 -11.14
CA ARG C 368 -1.84 29.26 -11.99
C ARG C 368 -2.77 28.45 -12.87
N ALA C 369 -2.30 27.34 -13.41
CA ALA C 369 -3.18 26.42 -14.13
C ALA C 369 -4.36 25.99 -13.24
N ALA C 370 -4.10 25.67 -11.98
CA ALA C 370 -5.18 25.21 -11.10
C ALA C 370 -6.15 26.35 -10.78
N SER C 371 -5.62 27.57 -10.53
CA SER C 371 -6.46 28.74 -10.26
C SER C 371 -7.35 29.08 -11.45
N MET C 372 -6.78 29.04 -12.66
CA MET C 372 -7.57 29.28 -13.86
C MET C 372 -8.71 28.27 -13.97
N ALA C 373 -8.40 26.99 -13.75
CA ALA C 373 -9.42 25.95 -13.90
C ALA C 373 -10.57 26.15 -12.91
N ARG C 374 -10.26 26.49 -11.67
CA ARG C 374 -11.32 26.71 -10.68
C ARG C 374 -12.18 27.93 -11.07
N ASP C 375 -11.55 29.02 -11.49
CA ASP C 375 -12.29 30.19 -11.95
C ASP C 375 -13.25 29.82 -13.07
N LEU C 376 -12.77 29.06 -14.04
CA LEU C 376 -13.61 28.67 -15.16
C LEU C 376 -14.77 27.81 -14.69
N TYR C 377 -14.51 26.93 -13.73
CA TYR C 377 -15.57 26.08 -13.20
C TYR C 377 -16.63 26.89 -12.45
N MET C 378 -16.20 27.77 -11.54
CA MET C 378 -17.15 28.49 -10.69
C MET C 378 -17.76 29.68 -11.41
N LEU C 379 -17.00 30.35 -12.27
CA LEU C 379 -17.43 31.61 -12.86
C LEU C 379 -17.59 31.59 -14.37
N GLY C 380 -17.05 30.58 -15.06
CA GLY C 380 -17.08 30.57 -16.52
C GLY C 380 -16.18 31.58 -17.18
N ARG C 381 -15.25 32.18 -16.43
CA ARG C 381 -14.27 33.13 -16.93
C ARG C 381 -13.00 32.97 -16.11
N VAL C 382 -11.88 33.49 -16.62
CA VAL C 382 -10.62 33.55 -15.88
C VAL C 382 -10.43 34.97 -15.38
N ARG C 383 -10.35 35.15 -14.07
CA ARG C 383 -10.02 36.47 -13.52
C ARG C 383 -8.53 36.73 -13.71
N SER C 384 -8.19 37.95 -14.12
CA SER C 384 -6.78 38.33 -14.21
C SER C 384 -6.24 38.73 -12.85
N LEU C 385 -4.94 38.49 -12.65
CA LEU C 385 -4.31 38.88 -11.39
C LEU C 385 -4.48 40.37 -11.14
N SER C 386 -4.31 41.20 -12.18
CA SER C 386 -4.50 42.63 -12.03
C SER C 386 -5.92 42.97 -11.55
N GLU C 387 -6.93 42.34 -12.13
CA GLU C 387 -8.31 42.61 -11.73
C GLU C 387 -8.53 42.25 -10.27
N ILE C 388 -7.98 41.13 -9.82
CA ILE C 388 -8.18 40.71 -8.42
C ILE C 388 -7.48 41.66 -7.46
N GLU C 389 -6.22 42.00 -7.74
CA GLU C 389 -5.51 42.94 -6.87
C GLU C 389 -6.24 44.25 -6.78
N ALA C 390 -6.64 44.83 -7.92
CA ALA C 390 -7.33 46.10 -7.91
C ALA C 390 -8.64 46.00 -7.12
N ALA C 391 -9.38 44.91 -7.32
CA ALA C 391 -10.65 44.75 -6.63
C ALA C 391 -10.45 44.69 -5.13
N ILE C 392 -9.46 43.90 -4.68
CA ILE C 392 -9.17 43.79 -3.25
C ILE C 392 -8.73 45.13 -2.68
N GLU C 393 -7.78 45.80 -3.35
CA GLU C 393 -7.28 47.07 -2.84
C GLU C 393 -8.39 48.11 -2.73
N GLY C 394 -9.29 48.14 -3.71
CA GLY C 394 -10.34 49.13 -3.70
C GLY C 394 -11.67 48.70 -3.12
N THR C 395 -11.65 47.83 -2.10
CA THR C 395 -12.84 47.51 -1.32
C THR C 395 -12.76 48.31 -0.03
N SER C 396 -13.74 49.18 0.20
CA SER C 396 -13.66 50.10 1.32
C SER C 396 -14.02 49.41 2.63
N LEU C 397 -13.69 50.09 3.73
CA LEU C 397 -14.06 49.61 5.06
C LEU C 397 -15.58 49.58 5.24
N GLU C 398 -16.27 50.59 4.72
CA GLU C 398 -17.72 50.63 4.87
C GLU C 398 -18.38 49.52 4.08
N ALA C 399 -17.82 49.17 2.93
CA ALA C 399 -18.34 48.03 2.17
C ALA C 399 -18.24 46.74 2.97
N VAL C 400 -17.08 46.48 3.57
CA VAL C 400 -16.89 45.25 4.35
C VAL C 400 -17.79 45.27 5.57
N ASN C 401 -17.84 46.40 6.29
CA ASN C 401 -18.70 46.49 7.47
C ASN C 401 -20.16 46.31 7.10
N ALA C 402 -20.58 46.93 5.99
CA ALA C 402 -21.98 46.78 5.58
C ALA C 402 -22.29 45.35 5.21
N PHE C 403 -21.35 44.66 4.57
CA PHE C 403 -21.62 43.28 4.19
C PHE C 403 -21.68 42.39 5.42
N LEU C 404 -20.76 42.58 6.37
CA LEU C 404 -20.71 41.75 7.56
C LEU C 404 -21.96 41.91 8.40
N ARG C 405 -22.51 43.13 8.46
CA ARG C 405 -23.70 43.34 9.28
C ARG C 405 -24.92 42.64 8.68
N ALA C 406 -25.02 42.62 7.35
CA ALA C 406 -26.15 41.98 6.68
C ALA C 406 -25.95 40.48 6.49
N HIS C 407 -24.72 39.97 6.67
CA HIS C 407 -24.46 38.54 6.52
C HIS C 407 -23.70 38.06 7.75
N PRO C 408 -24.35 38.01 8.91
CA PRO C 408 -23.67 37.48 10.09
C PRO C 408 -23.50 35.97 10.00
N TYR C 409 -22.47 35.47 10.69
CA TYR C 409 -22.29 34.04 10.83
C TYR C 409 -23.01 33.57 12.08
N ARG C 410 -24.00 32.70 11.91
CA ARG C 410 -24.87 32.30 13.01
C ARG C 410 -25.25 30.84 12.82
N ASP C 411 -25.64 30.20 13.94
CA ASP C 411 -26.23 28.85 13.97
C ASP C 411 -25.44 27.83 13.17
N PRO C 412 -24.22 27.52 13.60
CA PRO C 412 -23.39 26.58 12.85
C PRO C 412 -23.78 25.13 13.11
N TRP C 413 -23.41 24.26 12.17
CA TRP C 413 -23.26 22.85 12.49
C TRP C 413 -21.99 22.68 13.31
N VAL C 414 -22.06 21.85 14.35
CA VAL C 414 -20.95 21.67 15.26
C VAL C 414 -20.62 20.19 15.34
N GLY C 415 -19.35 19.87 15.13
CA GLY C 415 -18.91 18.49 15.13
C GLY C 415 -17.68 18.34 16.00
N LEU C 416 -17.64 17.27 16.76
CA LEU C 416 -16.52 16.93 17.63
C LEU C 416 -16.17 15.47 17.42
N LEU C 417 -14.87 15.20 17.40
CA LEU C 417 -14.33 13.86 17.27
C LEU C 417 -13.23 13.70 18.31
N GLY C 418 -13.30 12.65 19.10
CA GLY C 418 -12.33 12.36 20.14
C GLY C 418 -13.03 11.73 21.33
N GLU C 419 -12.41 11.88 22.50
CA GLU C 419 -12.96 11.29 23.72
C GLU C 419 -13.89 12.30 24.36
N VAL C 420 -15.14 12.32 23.92
CA VAL C 420 -16.14 13.26 24.44
C VAL C 420 -17.49 12.55 24.50
N GLU C 421 -18.28 12.90 25.52
CA GLU C 421 -19.61 12.34 25.68
C GLU C 421 -20.59 12.95 24.68
#